data_3ZE9
#
_entry.id   3ZE9
#
_cell.length_a   106.694
_cell.length_b   63.348
_cell.length_c   109.740
_cell.angle_alpha   90.00
_cell.angle_beta   105.42
_cell.angle_gamma   90.00
#
_symmetry.space_group_name_H-M   'C 1 2 1'
#
loop_
_entity.id
_entity.type
_entity.pdbx_description
1 polymer 'PERIPLASMIC [NIFESE] HYDROGENASE, SMALL SUBUNIT'
2 polymer 'PERIPLASMIC [NIFESE] HYDROGENASE, LARGE SUBUNIT, SELENOCYSTEINE-CONTAINING'
3 non-polymer 'IRON/SULFUR CLUSTER'
4 non-polymer 'BIS-(MU-2-OXO),[(MU-3--SULFIDO)-BIS(MU-2--SULFIDO)-TRIS(CYS-S)-TRI-IRON] (AQUA)(GLU-O)IRON(II)'
5 non-polymer 'CARBONMONOXIDE-(DICYANO) IRON'
6 non-polymer 'NICKEL (II) ION'
7 non-polymer 'FE (II) ION'
8 non-polymer 'CHLORIDE ION'
9 water water
#
loop_
_entity_poly.entity_id
_entity_poly.type
_entity_poly.pdbx_seq_one_letter_code
_entity_poly.pdbx_strand_id
1 'polypeptide(L)'
;GTLTGERPPVFWLQGQGCTG(CSS)SVTLLNSVHPSIADVLLKVISLEFHPTVMAWEGEHAIEHMRKVAEKFKGKFFLVI
EGSVPVEADGKYCIIGEANHHEISMVDALKEFGPNAAAVLAVGTCAAYGGIPAAEGSETGATAVSKFLGDNGIKTPVVNI
PGCPPHPDWIVGTVVLALDAIKKNGLEGGLAEVVKVLDSDGRPTPFFGRNIHENCPYLDKYDEGVMSATFTDKVGCRYDL
GCKGPMTMADCFERKWNGGVNWCVQNAVCIGCVEPDFPDGKSPFYQA
;
A
2 'polypeptide(L)'
;GATGRTTIAIDPVTRIEGHLKAEVVVENGKVVDARLSGGMYRGFETILRGRDPRDASQIVQRI(OCS)GVCPTAHSTASV
LALDEAFGAKVPNNGRITRNLIFGANYLQSHILHFYHLSAQDFVQGPDTAPFVPRFPKSDLRLSKELNKAGVDQYIEALE
VRRICHEMVALFGGRMPHVQGQVVGGATEIPTKEKLVEYAARFKKVRDFVEQKYVPVVYTIGSKYKDMFKVGQGFKAALC
VGAFPLDNSGKKHLFMPGVYAKGKDMPFDPSKIKEYVKYSWFAEETTGLNYKEGKTIPAPDKAGAYSFVKAPRYDGLSLE
VGPLARMWVNNPELSPVGKKLLKDLFGISAKKFRDLGEEAAFSLMGRHVARAEETYYMLGAIEGWLKEIKAGEDTVVMPA
VPASAEGTGFTEAPRGSLLHYVKVKDSKIDNYQIVSASLWNCNPRDDMGQRGAVEEALIGIPVDDIQNPVNVARLIRAFD
P(PSW)LGCAVH
;
B
#
# COMPACT_ATOMS: atom_id res chain seq x y z
N GLY A 5 5.86 -19.95 26.51
CA GLY A 5 5.86 -18.87 27.50
C GLY A 5 5.08 -17.67 27.04
N GLU A 6 5.05 -16.64 27.88
CA GLU A 6 4.35 -15.40 27.54
C GLU A 6 4.97 -14.75 26.32
N ARG A 7 4.11 -14.36 25.39
CA ARG A 7 4.53 -13.66 24.17
C ARG A 7 4.94 -12.23 24.51
N PRO A 8 6.10 -11.79 24.03
CA PRO A 8 6.57 -10.44 24.32
C PRO A 8 5.71 -9.37 23.67
N PRO A 9 5.48 -8.26 24.39
CA PRO A 9 4.76 -7.14 23.78
C PRO A 9 5.58 -6.44 22.72
N VAL A 10 4.95 -6.14 21.60
CA VAL A 10 5.58 -5.45 20.50
C VAL A 10 4.75 -4.21 20.13
N PHE A 11 5.42 -3.07 19.95
CA PHE A 11 4.80 -1.88 19.33
C PHE A 11 5.44 -1.66 17.97
N TRP A 12 4.63 -1.40 16.96
CA TRP A 12 5.11 -1.15 15.62
C TRP A 12 4.80 0.28 15.25
N LEU A 13 5.85 1.09 15.11
CA LEU A 13 5.71 2.51 14.78
C LEU A 13 6.23 2.73 13.39
N GLN A 14 5.44 3.36 12.54
CA GLN A 14 5.90 3.67 11.19
C GLN A 14 6.18 5.14 11.04
N GLY A 15 7.36 5.46 10.55
CA GLY A 15 7.73 6.80 10.17
C GLY A 15 7.49 6.99 8.68
N GLN A 16 8.54 7.33 7.94
CA GLN A 16 8.45 7.48 6.48
C GLN A 16 8.66 6.15 5.80
N GLY A 17 7.65 5.31 5.90
CA GLY A 17 7.64 4.01 5.24
C GLY A 17 6.43 3.92 4.33
N CYS A 18 6.37 2.82 3.58
CA CYS A 18 5.29 2.58 2.65
C CYS A 18 4.35 1.44 3.07
N THR A 19 4.56 0.93 4.29
CA THR A 19 3.79 -0.21 4.81
C THR A 19 4.24 -1.52 4.18
N GLY A 20 5.28 -1.48 3.35
CA GLY A 20 5.79 -2.69 2.75
C GLY A 20 6.26 -3.69 3.77
N SER A 22 5.02 -4.27 6.73
CA SER A 22 3.88 -4.97 7.27
C SER A 22 3.31 -5.96 6.27
N VAL A 23 3.19 -5.53 5.01
CA VAL A 23 2.65 -6.40 4.00
C VAL A 23 3.57 -7.61 3.80
N THR A 24 4.87 -7.41 3.75
CA THR A 24 5.77 -8.53 3.60
C THR A 24 5.62 -9.53 4.75
N LEU A 25 5.42 -9.02 5.96
CA LEU A 25 5.25 -9.88 7.12
C LEU A 25 3.98 -10.73 6.98
N LEU A 26 2.91 -10.13 6.46
CA LEU A 26 1.69 -10.88 6.19
C LEU A 26 1.87 -12.08 5.25
N ASN A 27 2.94 -12.03 4.46
CA ASN A 27 3.25 -13.11 3.52
C ASN A 27 4.10 -14.25 4.10
N SER A 28 4.38 -14.19 5.41
CA SER A 28 5.17 -15.25 6.04
C SER A 28 4.51 -16.62 5.86
N VAL A 29 5.28 -17.61 5.49
CA VAL A 29 4.72 -18.96 5.28
C VAL A 29 4.83 -19.81 6.54
N HIS A 30 6.05 -19.96 7.04
CA HIS A 30 6.27 -20.82 8.21
C HIS A 30 7.17 -20.08 9.18
N PRO A 31 6.58 -19.54 10.25
CA PRO A 31 5.16 -19.64 10.62
C PRO A 31 4.26 -18.68 9.83
N SER A 32 2.98 -19.03 9.73
CA SER A 32 2.00 -18.11 9.17
C SER A 32 1.86 -16.86 10.02
N ILE A 33 1.34 -15.79 9.44
CA ILE A 33 1.12 -14.57 10.20
C ILE A 33 0.12 -14.80 11.35
N ALA A 34 -0.88 -15.64 11.12
CA ALA A 34 -1.83 -15.95 12.19
C ALA A 34 -1.08 -16.54 13.39
N ASP A 35 -0.18 -17.48 13.14
CA ASP A 35 0.61 -18.07 14.21
C ASP A 35 1.57 -17.04 14.84
N VAL A 36 2.14 -16.14 14.04
CA VAL A 36 2.98 -15.09 14.62
C VAL A 36 2.19 -14.24 15.62
N LEU A 37 1.00 -13.82 15.21
CA LEU A 37 0.18 -12.94 16.04
C LEU A 37 -0.38 -13.65 17.27
N LEU A 38 -0.73 -14.93 17.14
CA LEU A 38 -1.40 -15.61 18.23
C LEU A 38 -0.46 -16.45 19.09
N LYS A 39 0.72 -16.77 18.57
CA LYS A 39 1.62 -17.69 19.26
C LYS A 39 3.06 -17.18 19.49
N VAL A 40 3.51 -16.18 18.74
CA VAL A 40 4.89 -15.74 18.84
C VAL A 40 5.04 -14.38 19.55
N ILE A 41 4.31 -13.36 19.10
CA ILE A 41 4.38 -12.05 19.72
C ILE A 41 3.00 -11.58 20.19
N SER A 42 2.98 -10.56 21.04
CA SER A 42 1.76 -9.85 21.35
C SER A 42 1.84 -8.45 20.75
N LEU A 43 1.18 -8.28 19.61
CA LEU A 43 1.27 -7.05 18.85
C LEU A 43 0.27 -6.05 19.44
N GLU A 44 0.75 -5.22 20.35
CA GLU A 44 -0.13 -4.39 21.17
C GLU A 44 -0.51 -3.09 20.50
N PHE A 45 0.37 -2.59 19.64
CA PHE A 45 0.10 -1.38 18.87
C PHE A 45 0.62 -1.60 17.46
N HIS A 46 -0.28 -1.44 16.49
CA HIS A 46 0.07 -1.49 15.08
C HIS A 46 -1.09 -0.83 14.36
N PRO A 47 -0.89 0.39 13.86
CA PRO A 47 -2.04 1.15 13.38
CA PRO A 47 -2.03 1.15 13.37
C PRO A 47 -2.69 0.56 12.14
N THR A 48 -1.98 -0.25 11.38
CA THR A 48 -2.56 -0.82 10.17
C THR A 48 -3.57 -1.92 10.45
N VAL A 49 -3.38 -2.66 11.55
CA VAL A 49 -4.21 -3.85 11.79
C VAL A 49 -4.97 -3.90 13.10
N MET A 50 -4.70 -2.98 14.03
CA MET A 50 -5.30 -3.09 15.37
C MET A 50 -6.75 -2.64 15.41
N ALA A 51 -7.48 -3.13 16.40
CA ALA A 51 -8.90 -2.85 16.53
C ALA A 51 -9.19 -1.39 16.90
N TRP A 52 -8.47 -0.85 17.89
CA TRP A 52 -8.81 0.47 18.40
C TRP A 52 -8.11 1.54 17.56
N GLU A 53 -8.26 2.80 17.96
CA GLU A 53 -7.85 3.90 17.09
C GLU A 53 -7.54 5.15 17.89
N GLY A 54 -6.83 6.08 17.24
CA GLY A 54 -6.65 7.42 17.76
C GLY A 54 -5.98 7.49 19.12
N GLU A 55 -6.41 8.44 19.93
CA GLU A 55 -5.80 8.66 21.23
CA GLU A 55 -5.81 8.66 21.24
C GLU A 55 -5.92 7.43 22.12
N HIS A 56 -6.97 6.65 21.90
CA HIS A 56 -7.20 5.43 22.69
C HIS A 56 -6.12 4.39 22.39
N ALA A 57 -5.76 4.26 21.13
CA ALA A 57 -4.69 3.36 20.72
C ALA A 57 -3.35 3.83 21.31
N ILE A 58 -3.09 5.13 21.24
CA ILE A 58 -1.84 5.69 21.78
C ILE A 58 -1.76 5.44 23.29
N GLU A 59 -2.86 5.67 24.00
CA GLU A 59 -2.87 5.50 25.44
CA GLU A 59 -2.90 5.50 25.44
C GLU A 59 -2.73 4.03 25.82
N HIS A 60 -3.30 3.12 25.02
CA HIS A 60 -3.10 1.70 25.25
C HIS A 60 -1.61 1.35 25.16
N MET A 61 -0.93 1.86 24.14
CA MET A 61 0.51 1.64 23.99
C MET A 61 1.26 2.19 25.20
N ARG A 62 0.88 3.38 25.65
CA ARG A 62 1.56 3.96 26.79
C ARG A 62 1.34 3.16 28.07
N LYS A 63 0.15 2.60 28.25
CA LYS A 63 -0.12 1.78 29.43
C LYS A 63 0.73 0.49 29.39
N VAL A 64 0.79 -0.14 28.23
CA VAL A 64 1.58 -1.36 28.09
C VAL A 64 3.06 -1.04 28.29
N ALA A 65 3.50 0.08 27.74
CA ALA A 65 4.91 0.48 27.83
C ALA A 65 5.31 0.69 29.29
N GLU A 66 4.39 1.22 30.08
CA GLU A 66 4.68 1.45 31.51
C GLU A 66 4.80 0.12 32.24
N LYS A 67 3.87 -0.79 31.97
CA LYS A 67 3.85 -2.08 32.63
C LYS A 67 5.07 -2.94 32.26
N PHE A 68 5.54 -2.78 31.03
CA PHE A 68 6.64 -3.59 30.49
C PHE A 68 7.87 -2.71 30.19
N LYS A 69 8.06 -1.69 31.02
CA LYS A 69 9.22 -0.82 30.87
C LYS A 69 10.51 -1.63 30.83
N GLY A 70 11.31 -1.40 29.78
CA GLY A 70 12.56 -2.09 29.57
C GLY A 70 12.43 -3.44 28.88
N LYS A 71 11.19 -3.86 28.61
CA LYS A 71 10.94 -5.25 28.20
C LYS A 71 10.26 -5.39 26.86
N PHE A 72 9.69 -4.32 26.32
CA PHE A 72 8.96 -4.46 25.08
C PHE A 72 9.89 -4.33 23.89
N PHE A 73 9.47 -4.90 22.76
CA PHE A 73 10.20 -4.75 21.51
C PHE A 73 9.56 -3.64 20.70
N LEU A 74 10.38 -2.71 20.24
CA LEU A 74 9.92 -1.63 19.40
C LEU A 74 10.37 -1.83 17.98
N VAL A 75 9.40 -2.08 17.09
CA VAL A 75 9.67 -2.17 15.67
C VAL A 75 9.49 -0.80 15.08
N ILE A 76 10.52 -0.29 14.41
CA ILE A 76 10.43 0.98 13.72
C ILE A 76 10.59 0.70 12.24
N GLU A 77 9.58 1.13 11.49
CA GLU A 77 9.61 1.08 10.05
C GLU A 77 9.65 2.50 9.52
N GLY A 78 10.37 2.71 8.43
CA GLY A 78 10.45 4.03 7.87
C GLY A 78 11.55 4.86 8.47
N SER A 79 12.00 5.85 7.72
CA SER A 79 12.96 6.80 8.26
C SER A 79 12.28 7.82 9.19
N VAL A 80 13.10 8.52 9.96
CA VAL A 80 12.66 9.51 10.91
C VAL A 80 13.07 10.89 10.40
N PRO A 81 12.08 11.70 9.97
CA PRO A 81 12.47 13.00 9.39
C PRO A 81 12.58 14.07 10.46
N VAL A 82 13.74 14.72 10.51
CA VAL A 82 14.02 15.68 11.58
C VAL A 82 13.78 17.13 11.18
N GLU A 83 13.65 17.41 9.88
CA GLU A 83 13.46 18.81 9.45
C GLU A 83 12.13 19.35 9.93
N ALA A 84 12.03 20.67 9.99
CA ALA A 84 10.79 21.35 10.33
C ALA A 84 10.22 20.84 11.65
N ASP A 85 11.10 20.66 12.63
CA ASP A 85 10.70 20.23 13.96
C ASP A 85 9.87 18.96 13.97
N GLY A 86 10.15 18.05 13.03
CA GLY A 86 9.52 16.74 12.98
C GLY A 86 8.19 16.69 12.24
N LYS A 87 7.77 17.83 11.70
CA LYS A 87 6.44 17.96 11.12
C LYS A 87 6.15 17.13 9.88
N TYR A 88 7.19 16.57 9.27
CA TYR A 88 6.98 15.76 8.06
C TYR A 88 6.49 14.34 8.40
N CYS A 89 6.40 14.00 9.67
CA CYS A 89 5.77 12.73 10.05
C CYS A 89 5.10 12.83 11.41
N ILE A 90 3.79 13.02 11.39
CA ILE A 90 2.97 13.03 12.59
C ILE A 90 2.26 11.68 12.67
N ILE A 91 2.44 10.96 13.78
CA ILE A 91 1.90 9.62 13.89
C ILE A 91 0.70 9.48 14.83
N GLY A 92 0.32 10.58 15.49
CA GLY A 92 -0.78 10.46 16.42
C GLY A 92 -1.03 11.75 17.15
N GLU A 93 -2.09 11.75 17.95
CA GLU A 93 -2.43 12.92 18.75
C GLU A 93 -3.07 12.43 20.05
N ALA A 94 -2.65 13.03 21.16
CA ALA A 94 -3.23 12.73 22.46
C ALA A 94 -3.12 13.99 23.30
N ASN A 95 -4.10 14.25 24.13
CA ASN A 95 -4.13 15.45 24.95
C ASN A 95 -4.01 16.72 24.10
N HIS A 96 -4.67 16.72 22.95
CA HIS A 96 -4.63 17.85 22.01
C HIS A 96 -3.22 18.22 21.55
N HIS A 97 -2.29 17.28 21.67
CA HIS A 97 -0.90 17.50 21.24
C HIS A 97 -0.47 16.48 20.20
N GLU A 98 0.00 16.98 19.06
CA GLU A 98 0.47 16.10 18.01
C GLU A 98 1.75 15.38 18.46
N ILE A 99 1.92 14.18 17.94
CA ILE A 99 3.07 13.33 18.27
C ILE A 99 3.80 13.03 16.98
N SER A 100 4.97 13.64 16.79
CA SER A 100 5.77 13.36 15.61
C SER A 100 6.55 12.06 15.79
N MET A 101 7.10 11.55 14.71
CA MET A 101 7.94 10.37 14.81
CA MET A 101 7.96 10.37 14.76
C MET A 101 9.16 10.65 15.67
N VAL A 102 9.74 11.84 15.55
CA VAL A 102 10.84 12.25 16.43
C VAL A 102 10.43 12.11 17.89
N ASP A 103 9.25 12.67 18.23
CA ASP A 103 8.73 12.61 19.60
C ASP A 103 8.54 11.17 20.06
N ALA A 104 7.92 10.35 19.22
CA ALA A 104 7.59 8.98 19.59
C ALA A 104 8.86 8.17 19.83
N LEU A 105 9.86 8.32 18.98
CA LEU A 105 11.10 7.57 19.19
C LEU A 105 11.85 8.03 20.44
N LYS A 106 11.82 9.33 20.75
CA LYS A 106 12.40 9.80 21.99
C LYS A 106 11.66 9.29 23.23
N GLU A 107 10.35 9.06 23.11
CA GLU A 107 9.55 8.59 24.24
C GLU A 107 9.74 7.10 24.48
N PHE A 108 9.53 6.30 23.45
CA PHE A 108 9.54 4.84 23.59
C PHE A 108 10.93 4.23 23.43
N GLY A 109 11.78 4.85 22.62
CA GLY A 109 13.12 4.33 22.37
C GLY A 109 13.92 3.96 23.62
N PRO A 110 14.01 4.88 24.59
CA PRO A 110 14.82 4.62 25.78
C PRO A 110 14.29 3.47 26.62
N ASN A 111 13.02 3.10 26.47
CA ASN A 111 12.40 2.13 27.36
C ASN A 111 12.15 0.76 26.72
N ALA A 112 12.53 0.60 25.46
CA ALA A 112 12.40 -0.67 24.80
C ALA A 112 13.54 -1.60 25.24
N ALA A 113 13.26 -2.90 25.23
CA ALA A 113 14.34 -3.90 25.37
C ALA A 113 15.30 -3.77 24.19
N ALA A 114 14.74 -3.62 22.99
CA ALA A 114 15.52 -3.52 21.77
C ALA A 114 14.66 -2.85 20.73
N VAL A 115 15.32 -2.18 19.80
CA VAL A 115 14.66 -1.60 18.65
C VAL A 115 15.04 -2.43 17.43
N LEU A 116 14.03 -2.86 16.69
CA LEU A 116 14.20 -3.57 15.44
C LEU A 116 13.88 -2.59 14.34
N ALA A 117 14.91 -2.14 13.62
CA ALA A 117 14.76 -1.23 12.50
C ALA A 117 14.51 -2.10 11.28
N VAL A 118 13.24 -2.16 10.87
CA VAL A 118 12.81 -3.01 9.78
CA VAL A 118 12.79 -3.01 9.80
C VAL A 118 12.69 -2.23 8.49
N GLY A 119 13.30 -2.76 7.44
CA GLY A 119 13.36 -2.10 6.15
C GLY A 119 14.55 -1.19 6.01
N THR A 120 14.98 -1.00 4.78
CA THR A 120 16.11 -0.15 4.47
C THR A 120 15.91 1.32 4.88
N CYS A 121 14.68 1.84 4.82
CA CYS A 121 14.46 3.22 5.23
C CYS A 121 14.85 3.42 6.70
N ALA A 122 14.29 2.58 7.55
CA ALA A 122 14.62 2.64 8.98
C ALA A 122 16.09 2.31 9.25
N ALA A 123 16.60 1.30 8.57
CA ALA A 123 17.97 0.86 8.84
C ALA A 123 18.99 1.90 8.41
N TYR A 124 18.81 2.46 7.21
CA TYR A 124 19.88 3.21 6.56
C TYR A 124 19.44 4.54 5.95
N GLY A 125 18.14 4.84 5.95
CA GLY A 125 17.64 6.08 5.36
C GLY A 125 16.81 5.82 4.11
N GLY A 126 17.32 4.97 3.23
CA GLY A 126 16.57 4.53 2.07
C GLY A 126 16.09 5.61 1.13
N ILE A 127 14.99 5.34 0.45
CA ILE A 127 14.49 6.26 -0.57
C ILE A 127 14.14 7.64 0.01
N PRO A 128 13.51 7.72 1.20
CA PRO A 128 13.24 9.08 1.73
C PRO A 128 14.47 9.95 2.02
N ALA A 129 15.64 9.33 2.16
CA ALA A 129 16.89 10.03 2.39
C ALA A 129 17.71 10.23 1.13
N ALA A 130 17.18 9.75 0.00
CA ALA A 130 17.95 9.75 -1.25
C ALA A 130 18.02 11.14 -1.88
N GLU A 131 18.89 11.26 -2.89
CA GLU A 131 19.11 12.54 -3.55
C GLU A 131 17.79 13.15 -4.05
N GLY A 132 17.59 14.44 -3.77
CA GLY A 132 16.38 15.14 -4.11
C GLY A 132 15.40 15.27 -2.96
N SER A 133 15.66 14.56 -1.85
CA SER A 133 14.81 14.67 -0.67
C SER A 133 15.12 15.88 0.17
N GLU A 134 14.17 16.30 1.00
CA GLU A 134 14.35 17.52 1.79
C GLU A 134 13.70 17.48 3.17
N THR A 135 13.44 16.28 3.69
CA THR A 135 12.78 16.15 4.99
C THR A 135 13.72 15.80 6.15
N GLY A 136 15.01 15.69 5.89
CA GLY A 136 15.92 15.29 6.95
C GLY A 136 15.68 13.86 7.39
N ALA A 137 15.29 13.01 6.46
CA ALA A 137 15.08 11.60 6.74
C ALA A 137 16.34 10.95 7.32
N THR A 138 16.19 10.33 8.49
CA THR A 138 17.33 9.84 9.24
C THR A 138 17.12 8.38 9.62
N ALA A 139 18.19 7.58 9.55
CA ALA A 139 18.13 6.18 9.97
C ALA A 139 17.92 6.08 11.46
N VAL A 140 17.32 4.99 11.90
CA VAL A 140 17.02 4.81 13.31
C VAL A 140 18.25 4.84 14.21
N SER A 141 19.28 4.08 13.86
CA SER A 141 20.44 4.01 14.73
C SER A 141 21.11 5.39 14.88
N LYS A 142 21.16 6.16 13.79
CA LYS A 142 21.75 7.49 13.84
C LYS A 142 20.92 8.42 14.70
N PHE A 143 19.60 8.37 14.51
CA PHE A 143 18.71 9.21 15.29
C PHE A 143 18.85 8.91 16.79
N LEU A 144 18.83 7.63 17.14
CA LEU A 144 18.94 7.27 18.56
C LEU A 144 20.29 7.72 19.13
N GLY A 145 21.36 7.52 18.38
CA GLY A 145 22.69 7.91 18.83
C GLY A 145 22.80 9.41 19.01
N ASP A 146 22.26 10.16 18.04
CA ASP A 146 22.31 11.62 18.09
C ASP A 146 21.57 12.14 19.32
N ASN A 147 20.64 11.33 19.83
CA ASN A 147 19.82 11.76 20.96
C ASN A 147 20.18 11.06 22.28
N GLY A 148 21.33 10.39 22.31
CA GLY A 148 21.86 9.78 23.53
C GLY A 148 21.12 8.54 24.00
N ILE A 149 20.32 7.95 23.11
CA ILE A 149 19.55 6.76 23.44
C ILE A 149 20.35 5.51 23.12
N LYS A 150 20.62 4.70 24.15
CA LYS A 150 21.59 3.61 24.05
C LYS A 150 20.96 2.24 23.81
N THR A 151 19.65 2.20 23.67
CA THR A 151 18.93 0.96 23.45
C THR A 151 19.53 0.19 22.28
N PRO A 152 19.72 -1.14 22.42
CA PRO A 152 20.24 -1.92 21.29
C PRO A 152 19.36 -1.84 20.05
N VAL A 153 19.98 -1.73 18.90
CA VAL A 153 19.29 -1.69 17.62
C VAL A 153 19.75 -2.87 16.77
N VAL A 154 18.80 -3.54 16.12
CA VAL A 154 19.09 -4.57 15.13
C VAL A 154 18.48 -4.11 13.83
N ASN A 155 19.27 -4.11 12.76
CA ASN A 155 18.77 -3.74 11.45
C ASN A 155 18.31 -4.96 10.68
N ILE A 156 17.13 -4.89 10.11
CA ILE A 156 16.58 -5.95 9.27
C ILE A 156 16.15 -5.32 7.95
N PRO A 157 17.14 -5.03 7.08
CA PRO A 157 16.87 -4.24 5.89
C PRO A 157 16.31 -5.05 4.74
N GLY A 158 16.20 -4.37 3.60
CA GLY A 158 15.42 -4.81 2.45
C GLY A 158 14.30 -3.84 2.19
N CYS A 159 13.89 -3.77 0.92
CA CYS A 159 12.87 -2.82 0.51
C CYS A 159 11.88 -3.56 -0.40
N PRO A 160 11.05 -4.41 0.20
CA PRO A 160 10.98 -4.72 1.63
C PRO A 160 11.89 -5.87 2.02
N PRO A 161 12.05 -6.08 3.34
CA PRO A 161 12.64 -7.34 3.79
C PRO A 161 11.79 -8.52 3.41
N HIS A 162 12.39 -9.70 3.36
CA HIS A 162 11.64 -10.93 3.27
C HIS A 162 10.99 -11.19 4.65
N PRO A 163 9.76 -11.76 4.69
CA PRO A 163 9.18 -12.03 6.01
C PRO A 163 10.09 -12.89 6.89
N ASP A 164 10.79 -13.86 6.30
CA ASP A 164 11.63 -14.76 7.07
C ASP A 164 12.76 -14.00 7.78
N TRP A 165 13.19 -12.89 7.24
CA TRP A 165 14.25 -12.12 7.90
C TRP A 165 13.69 -11.43 9.14
N ILE A 166 12.46 -10.92 9.04
CA ILE A 166 11.82 -10.25 10.18
C ILE A 166 11.46 -11.25 11.27
N VAL A 167 10.68 -12.26 10.92
CA VAL A 167 10.28 -13.28 11.89
C VAL A 167 11.49 -14.01 12.44
N GLY A 168 12.43 -14.34 11.56
CA GLY A 168 13.63 -15.06 12.00
C GLY A 168 14.50 -14.27 12.96
N THR A 169 14.58 -12.96 12.81
CA THR A 169 15.36 -12.15 13.74
C THR A 169 14.67 -12.08 15.09
N VAL A 170 13.35 -11.95 15.09
CA VAL A 170 12.60 -12.05 16.36
C VAL A 170 12.90 -13.38 17.05
N VAL A 171 12.85 -14.47 16.32
CA VAL A 171 13.14 -15.79 16.90
C VAL A 171 14.59 -15.91 17.37
N LEU A 172 15.55 -15.37 16.64
CA LEU A 172 16.94 -15.31 17.11
CA LEU A 172 16.93 -15.34 17.11
C LEU A 172 17.00 -14.69 18.50
N ALA A 173 16.28 -13.58 18.65
CA ALA A 173 16.29 -12.86 19.92
C ALA A 173 15.62 -13.69 20.99
N LEU A 174 14.48 -14.27 20.67
CA LEU A 174 13.79 -15.10 21.67
C LEU A 174 14.61 -16.27 22.15
N ASP A 175 15.30 -16.95 21.23
CA ASP A 175 16.13 -18.08 21.60
C ASP A 175 17.26 -17.63 22.52
N ALA A 176 17.89 -16.51 22.17
CA ALA A 176 19.01 -16.00 22.97
C ALA A 176 18.56 -15.59 24.36
N ILE A 177 17.40 -14.95 24.44
CA ILE A 177 16.88 -14.51 25.73
C ILE A 177 16.48 -15.70 26.61
N LYS A 178 15.93 -16.75 26.00
CA LYS A 178 15.60 -17.96 26.75
C LYS A 178 16.87 -18.56 27.37
N LYS A 179 17.96 -18.59 26.62
CA LYS A 179 19.19 -19.18 27.10
C LYS A 179 19.93 -18.30 28.13
N ASN A 180 19.87 -16.98 27.96
CA ASN A 180 20.79 -16.09 28.67
C ASN A 180 20.13 -14.98 29.48
N GLY A 181 18.81 -14.85 29.39
CA GLY A 181 18.13 -13.70 29.97
C GLY A 181 18.15 -12.53 28.99
N LEU A 182 17.53 -11.41 29.36
CA LEU A 182 17.29 -10.32 28.41
C LEU A 182 18.58 -9.62 28.01
N GLU A 183 19.32 -9.08 28.98
CA GLU A 183 20.57 -8.39 28.66
C GLU A 183 21.62 -9.33 28.02
N GLY A 184 21.86 -10.48 28.63
CA GLY A 184 22.79 -11.47 28.09
C GLY A 184 22.36 -11.96 26.71
N GLY A 185 21.06 -12.14 26.53
CA GLY A 185 20.52 -12.59 25.26
C GLY A 185 20.73 -11.58 24.15
N LEU A 186 20.39 -10.33 24.43
CA LEU A 186 20.57 -9.31 23.40
C LEU A 186 22.07 -9.18 23.08
N ALA A 187 22.94 -9.36 24.06
CA ALA A 187 24.37 -9.35 23.78
C ALA A 187 24.77 -10.45 22.78
N GLU A 188 24.16 -11.62 22.91
CA GLU A 188 24.40 -12.71 21.95
C GLU A 188 23.86 -12.41 20.56
N VAL A 189 22.78 -11.63 20.47
CA VAL A 189 22.27 -11.22 19.18
C VAL A 189 23.24 -10.24 18.53
N VAL A 190 23.75 -9.31 19.34
CA VAL A 190 24.62 -8.28 18.78
C VAL A 190 25.89 -8.95 18.22
N LYS A 191 26.32 -10.04 18.83
CA LYS A 191 27.49 -10.78 18.36
C LYS A 191 27.32 -11.41 16.96
N VAL A 192 26.09 -11.62 16.51
CA VAL A 192 25.88 -12.17 15.18
C VAL A 192 25.39 -11.13 14.19
N LEU A 193 25.65 -9.86 14.48
CA LEU A 193 25.38 -8.80 13.52
C LEU A 193 26.65 -8.46 12.77
N ASP A 194 26.49 -8.14 11.49
CA ASP A 194 27.59 -7.65 10.67
C ASP A 194 27.82 -6.16 10.93
N SER A 195 28.77 -5.58 10.22
CA SER A 195 29.16 -4.20 10.48
C SER A 195 28.06 -3.19 10.14
N ASP A 196 27.05 -3.63 9.40
CA ASP A 196 25.87 -2.82 9.09
C ASP A 196 24.67 -3.17 9.98
N GLY A 197 24.94 -3.87 11.07
CA GLY A 197 23.89 -4.19 12.04
C GLY A 197 22.91 -5.28 11.65
N ARG A 198 23.24 -6.08 10.62
CA ARG A 198 22.35 -7.10 10.03
C ARG A 198 22.68 -8.50 10.54
N PRO A 199 21.68 -9.32 10.87
CA PRO A 199 21.99 -10.67 11.36
C PRO A 199 22.62 -11.54 10.29
N THR A 200 23.76 -12.14 10.63
CA THR A 200 24.51 -12.93 9.65
C THR A 200 23.79 -14.20 9.16
N PRO A 201 22.85 -14.75 9.94
CA PRO A 201 22.13 -15.88 9.35
C PRO A 201 21.39 -15.54 8.05
N PHE A 202 20.98 -14.29 7.87
CA PHE A 202 20.23 -13.89 6.69
C PHE A 202 21.05 -13.06 5.72
N PHE A 203 22.03 -12.31 6.25
CA PHE A 203 22.76 -11.33 5.44
C PHE A 203 24.25 -11.64 5.38
N GLY A 204 24.66 -12.83 5.83
CA GLY A 204 26.06 -13.18 5.85
C GLY A 204 26.65 -13.75 4.56
N ARG A 205 25.82 -13.94 3.55
CA ARG A 205 26.23 -14.53 2.27
C ARG A 205 25.91 -13.58 1.11
N ASN A 206 26.79 -13.59 0.12
CA ASN A 206 26.69 -12.73 -1.06
C ASN A 206 25.81 -13.37 -2.12
N ILE A 207 24.95 -12.56 -2.73
CA ILE A 207 24.08 -13.03 -3.80
CA ILE A 207 24.09 -13.06 -3.80
C ILE A 207 24.90 -13.60 -4.97
N HIS A 208 25.83 -12.82 -5.49
CA HIS A 208 26.54 -13.17 -6.72
C HIS A 208 27.38 -14.43 -6.59
N GLU A 209 28.13 -14.56 -5.49
CA GLU A 209 28.99 -15.73 -5.33
C GLU A 209 28.18 -17.01 -5.19
N ASN A 210 26.90 -16.86 -4.87
CA ASN A 210 25.97 -17.99 -4.74
C ASN A 210 24.94 -18.06 -5.87
N CYS A 211 25.17 -17.31 -6.93
CA CYS A 211 24.17 -17.17 -7.98
C CYS A 211 24.27 -18.29 -9.01
N PRO A 212 23.13 -18.81 -9.44
CA PRO A 212 23.20 -19.88 -10.44
C PRO A 212 23.69 -19.44 -11.83
N TYR A 213 23.81 -18.14 -12.05
CA TYR A 213 24.31 -17.65 -13.32
CA TYR A 213 24.32 -17.64 -13.32
C TYR A 213 25.78 -17.22 -13.26
N LEU A 214 26.46 -17.54 -12.15
CA LEU A 214 27.83 -17.13 -11.96
C LEU A 214 28.73 -17.69 -13.06
N ASP A 215 28.45 -18.89 -13.55
CA ASP A 215 29.26 -19.46 -14.60
C ASP A 215 29.18 -18.62 -15.88
N LYS A 216 28.00 -18.09 -16.16
CA LYS A 216 27.81 -17.27 -17.33
C LYS A 216 28.53 -15.93 -17.15
N TYR A 217 28.45 -15.36 -15.96
CA TYR A 217 29.23 -14.15 -15.65
C TYR A 217 30.72 -14.36 -15.95
N ASP A 218 31.26 -15.46 -15.44
CA ASP A 218 32.68 -15.77 -15.62
C ASP A 218 33.04 -15.95 -17.09
N GLU A 219 32.10 -16.50 -17.87
CA GLU A 219 32.30 -16.72 -19.32
C GLU A 219 32.02 -15.47 -20.15
N GLY A 220 31.52 -14.41 -19.52
CA GLY A 220 31.13 -13.21 -20.25
C GLY A 220 29.88 -13.35 -21.10
N VAL A 221 29.01 -14.28 -20.73
CA VAL A 221 27.77 -14.52 -21.47
C VAL A 221 26.66 -13.74 -20.80
N MET A 222 26.28 -12.61 -21.39
CA MET A 222 25.37 -11.67 -20.79
C MET A 222 24.10 -11.56 -21.60
N SER A 223 22.97 -11.61 -20.92
CA SER A 223 21.70 -11.39 -21.58
C SER A 223 21.59 -9.94 -22.07
N ALA A 224 21.04 -9.75 -23.27
CA ALA A 224 20.83 -8.41 -23.85
C ALA A 224 19.38 -7.99 -23.76
N THR A 225 18.51 -8.93 -23.38
CA THR A 225 17.10 -8.61 -23.11
C THR A 225 16.69 -9.31 -21.83
N PHE A 226 15.78 -8.69 -21.10
CA PHE A 226 15.37 -9.24 -19.81
C PHE A 226 14.88 -10.67 -19.93
N THR A 227 14.21 -10.96 -21.04
CA THR A 227 13.56 -12.26 -21.17
C THR A 227 14.49 -13.41 -21.51
N ASP A 228 15.76 -13.12 -21.79
CA ASP A 228 16.79 -14.15 -21.97
C ASP A 228 17.23 -14.63 -20.60
N LYS A 229 16.78 -15.82 -20.21
CA LYS A 229 17.06 -16.28 -18.86
C LYS A 229 18.31 -17.19 -18.80
N VAL A 230 19.02 -17.33 -19.91
CA VAL A 230 20.24 -18.15 -19.94
C VAL A 230 21.47 -17.37 -19.47
N GLY A 231 21.62 -16.13 -19.90
CA GLY A 231 22.81 -15.37 -19.59
C GLY A 231 22.78 -14.70 -18.23
N CYS A 232 23.93 -14.19 -17.83
CA CYS A 232 24.05 -13.38 -16.64
C CYS A 232 23.37 -12.03 -16.88
N ARG A 233 22.85 -11.45 -15.80
CA ARG A 233 22.06 -10.22 -15.83
C ARG A 233 22.89 -8.96 -15.57
N TYR A 234 24.21 -9.09 -15.51
CA TYR A 234 25.07 -7.98 -15.12
C TYR A 234 24.92 -6.77 -16.06
N ASP A 235 24.91 -6.99 -17.37
CA ASP A 235 24.78 -5.85 -18.29
C ASP A 235 23.40 -5.18 -18.22
N LEU A 236 22.39 -5.92 -17.78
CA LEU A 236 21.05 -5.38 -17.59
C LEU A 236 20.91 -4.63 -16.27
N GLY A 237 21.97 -4.64 -15.47
CA GLY A 237 22.02 -3.84 -14.25
C GLY A 237 22.11 -4.59 -12.93
N CYS A 238 22.21 -5.91 -12.97
CA CYS A 238 22.20 -6.69 -11.72
C CYS A 238 23.26 -6.21 -10.73
N LYS A 239 22.83 -5.97 -9.48
CA LYS A 239 23.73 -5.53 -8.41
C LYS A 239 24.08 -6.67 -7.44
N GLY A 240 23.81 -7.91 -7.84
CA GLY A 240 24.18 -9.06 -7.03
C GLY A 240 25.60 -9.03 -6.48
N PRO A 241 26.58 -8.61 -7.28
CA PRO A 241 27.94 -8.61 -6.74
C PRO A 241 28.15 -7.81 -5.46
N MET A 242 27.36 -6.77 -5.27
CA MET A 242 27.51 -5.86 -4.13
CA MET A 242 27.49 -5.83 -4.16
C MET A 242 26.44 -6.03 -3.08
N THR A 243 25.75 -7.16 -3.10
CA THR A 243 24.60 -7.35 -2.24
C THR A 243 24.69 -8.60 -1.35
N MET A 244 24.41 -8.39 -0.07
CA MET A 244 24.50 -9.45 0.95
C MET A 244 23.11 -9.82 1.41
N ALA A 245 22.57 -10.90 0.84
CA ALA A 245 21.25 -11.40 1.19
C ALA A 245 21.13 -12.83 0.71
N ASP A 246 20.14 -13.57 1.25
CA ASP A 246 20.02 -15.00 0.96
C ASP A 246 18.89 -15.32 0.00
N CYS A 247 18.49 -14.33 -0.79
CA CYS A 247 17.41 -14.44 -1.78
C CYS A 247 17.62 -15.55 -2.78
N PHE A 248 18.89 -15.84 -3.12
CA PHE A 248 19.21 -16.90 -4.07
C PHE A 248 18.73 -18.27 -3.61
N GLU A 249 18.55 -18.42 -2.29
CA GLU A 249 18.17 -19.67 -1.70
C GLU A 249 16.73 -19.67 -1.25
N ARG A 250 16.34 -18.73 -0.39
CA ARG A 250 14.95 -18.78 0.08
C ARG A 250 13.95 -18.26 -0.93
N LYS A 251 14.42 -17.43 -1.83
CA LYS A 251 13.58 -16.82 -2.87
C LYS A 251 12.44 -16.03 -2.22
N TRP A 252 11.37 -15.75 -2.98
CA TRP A 252 10.32 -14.84 -2.55
C TRP A 252 8.94 -15.44 -2.71
N ASN A 253 8.03 -15.00 -1.84
CA ASN A 253 6.63 -15.34 -1.95
C ASN A 253 6.40 -16.84 -2.09
N GLY A 254 6.84 -17.57 -1.07
CA GLY A 254 6.63 -18.99 -1.05
C GLY A 254 7.52 -19.71 -2.04
N GLY A 255 8.67 -19.10 -2.34
CA GLY A 255 9.65 -19.72 -3.21
C GLY A 255 9.36 -19.67 -4.69
N VAL A 256 8.38 -18.88 -5.14
CA VAL A 256 7.94 -18.98 -6.53
C VAL A 256 8.80 -18.19 -7.52
N ASN A 257 9.63 -17.27 -7.03
CA ASN A 257 10.49 -16.46 -7.89
C ASN A 257 11.48 -15.70 -7.04
N TRP A 258 12.43 -15.04 -7.68
CA TRP A 258 13.25 -14.05 -7.02
C TRP A 258 13.79 -13.07 -8.06
N CYS A 259 14.41 -11.98 -7.59
CA CYS A 259 14.64 -10.83 -8.45
C CYS A 259 15.61 -11.16 -9.56
N VAL A 260 16.65 -11.93 -9.30
CA VAL A 260 17.60 -12.26 -10.35
C VAL A 260 17.00 -13.16 -11.41
N GLN A 261 16.17 -14.13 -11.03
CA GLN A 261 15.52 -14.97 -12.03
CA GLN A 261 15.51 -14.97 -12.02
C GLN A 261 14.59 -14.13 -12.91
N ASN A 262 13.82 -13.26 -12.27
CA ASN A 262 12.78 -12.51 -12.95
C ASN A 262 13.28 -11.32 -13.76
N ALA A 263 14.26 -10.62 -13.21
CA ALA A 263 14.74 -9.37 -13.79
C ALA A 263 16.20 -9.17 -13.32
N VAL A 264 16.46 -8.22 -12.42
CA VAL A 264 17.78 -7.99 -11.84
C VAL A 264 17.66 -7.76 -10.35
N CYS A 265 18.74 -8.00 -9.61
CA CYS A 265 18.84 -7.50 -8.24
C CYS A 265 19.15 -6.00 -8.24
N ILE A 266 18.45 -5.25 -7.40
CA ILE A 266 18.68 -3.81 -7.25
C ILE A 266 19.38 -3.47 -5.94
N GLY A 267 19.84 -4.48 -5.20
CA GLY A 267 20.65 -4.25 -4.03
C GLY A 267 19.91 -3.61 -2.87
N CYS A 268 18.66 -4.03 -2.68
CA CYS A 268 17.73 -3.32 -1.80
C CYS A 268 18.06 -3.41 -0.31
N VAL A 269 18.88 -4.38 0.09
CA VAL A 269 19.27 -4.56 1.49
C VAL A 269 20.51 -3.77 1.89
N GLU A 270 21.12 -3.04 0.93
CA GLU A 270 22.41 -2.41 1.18
C GLU A 270 22.27 -0.96 1.67
N PRO A 271 23.23 -0.50 2.51
CA PRO A 271 23.11 0.85 3.08
C PRO A 271 23.07 1.98 2.08
N ASP A 272 23.57 1.77 0.86
CA ASP A 272 23.57 2.83 -0.15
C ASP A 272 22.38 2.75 -1.09
N PHE A 273 21.38 1.93 -0.77
CA PHE A 273 20.18 1.86 -1.61
C PHE A 273 19.31 3.09 -1.32
N PRO A 274 18.83 3.80 -2.36
CA PRO A 274 18.93 3.47 -3.79
C PRO A 274 20.09 4.10 -4.53
N ASP A 275 20.63 5.21 -4.06
CA ASP A 275 21.52 6.00 -4.93
C ASP A 275 22.77 5.24 -5.38
N GLY A 276 23.37 4.47 -4.48
CA GLY A 276 24.59 3.74 -4.80
C GLY A 276 24.37 2.51 -5.67
N LYS A 277 23.11 2.15 -5.87
CA LYS A 277 22.70 1.02 -6.69
C LYS A 277 22.06 1.46 -8.01
N SER A 278 22.04 2.76 -8.23
CA SER A 278 21.40 3.38 -9.39
C SER A 278 22.44 3.90 -10.36
N PRO A 279 22.12 3.97 -11.66
CA PRO A 279 20.89 3.49 -12.30
C PRO A 279 20.71 1.98 -12.17
N PHE A 280 19.46 1.57 -12.04
CA PHE A 280 19.14 0.18 -11.81
C PHE A 280 19.36 -0.69 -13.02
N TYR A 281 19.27 -0.12 -14.22
CA TYR A 281 19.23 -0.95 -15.44
C TYR A 281 20.45 -0.83 -16.33
N GLN A 282 21.55 -0.39 -15.73
CA GLN A 282 22.87 -0.52 -16.32
CA GLN A 282 22.86 -0.53 -16.32
C GLN A 282 23.86 -0.83 -15.21
N ALA A 283 25.00 -1.39 -15.62
CA ALA A 283 26.04 -1.74 -14.67
C ALA A 283 26.56 -0.47 -14.02
N GLY B 4 -25.66 20.86 21.12
CA GLY B 4 -24.36 21.49 21.21
C GLY B 4 -23.32 20.78 20.39
N ARG B 5 -22.20 21.45 20.17
CA ARG B 5 -21.10 20.90 19.38
CA ARG B 5 -21.11 20.90 19.38
C ARG B 5 -20.15 20.10 20.23
N THR B 6 -19.63 19.04 19.64
CA THR B 6 -18.48 18.33 20.18
C THR B 6 -17.54 18.10 19.03
N THR B 7 -16.26 18.40 19.23
CA THR B 7 -15.25 18.17 18.21
C THR B 7 -14.43 16.96 18.59
N ILE B 8 -14.27 16.02 17.65
CA ILE B 8 -13.60 14.76 17.91
C ILE B 8 -12.45 14.61 16.93
N ALA B 9 -11.25 14.40 17.47
CA ALA B 9 -10.07 14.16 16.67
C ALA B 9 -9.65 12.70 16.83
N ILE B 10 -9.31 12.08 15.70
CA ILE B 10 -8.85 10.69 15.68
C ILE B 10 -7.53 10.64 14.92
N ASP B 11 -6.45 10.42 15.66
CA ASP B 11 -5.11 10.34 15.05
C ASP B 11 -4.29 9.41 15.93
N PRO B 12 -3.89 8.25 15.40
CA PRO B 12 -4.07 7.79 14.02
C PRO B 12 -5.43 7.15 13.75
N VAL B 13 -6.00 7.39 12.58
CA VAL B 13 -7.05 6.53 12.10
C VAL B 13 -6.37 5.20 11.76
N THR B 14 -6.86 4.12 12.34
CA THR B 14 -6.25 2.81 12.17
C THR B 14 -7.01 1.95 11.18
N ARG B 15 -6.42 0.83 10.80
CA ARG B 15 -7.00 -0.09 9.83
C ARG B 15 -7.30 0.63 8.52
N ILE B 16 -6.34 1.48 8.18
CA ILE B 16 -6.11 2.05 6.86
C ILE B 16 -4.61 1.92 6.63
N GLU B 17 -4.12 2.28 5.45
CA GLU B 17 -2.68 2.41 5.26
C GLU B 17 -2.25 3.85 5.51
N GLY B 18 -1.16 4.00 6.22
CA GLY B 18 -0.52 5.28 6.34
C GLY B 18 -1.05 6.15 7.46
N HIS B 19 -0.65 7.43 7.41
CA HIS B 19 -0.87 8.34 8.51
CA HIS B 19 -0.87 8.36 8.50
C HIS B 19 -2.00 9.34 8.23
N LEU B 20 -3.10 9.17 8.94
CA LEU B 20 -4.27 10.03 8.76
C LEU B 20 -4.86 10.47 10.07
N LYS B 21 -5.16 11.78 10.15
CA LYS B 21 -5.97 12.31 11.24
C LYS B 21 -7.30 12.73 10.67
N ALA B 22 -8.37 12.40 11.37
CA ALA B 22 -9.69 12.93 11.04
C ALA B 22 -10.17 13.77 12.20
N GLU B 23 -10.74 14.91 11.89
CA GLU B 23 -11.36 15.74 12.93
C GLU B 23 -12.76 16.07 12.47
N VAL B 24 -13.75 15.75 13.28
CA VAL B 24 -15.14 16.01 12.93
C VAL B 24 -15.82 16.85 13.98
N VAL B 25 -16.80 17.63 13.53
CA VAL B 25 -17.67 18.39 14.43
C VAL B 25 -19.00 17.67 14.47
N VAL B 26 -19.47 17.36 15.67
CA VAL B 26 -20.73 16.65 15.87
C VAL B 26 -21.74 17.56 16.57
N GLU B 27 -22.96 17.63 16.01
CA GLU B 27 -24.09 18.38 16.58
C GLU B 27 -25.36 17.54 16.47
N ASN B 28 -26.13 17.47 17.56
CA ASN B 28 -27.38 16.72 17.56
C ASN B 28 -27.21 15.33 16.96
N GLY B 29 -26.13 14.66 17.32
CA GLY B 29 -25.98 13.25 16.99
C GLY B 29 -25.49 12.95 15.59
N LYS B 30 -25.05 13.97 14.86
CA LYS B 30 -24.53 13.75 13.50
C LYS B 30 -23.32 14.62 13.21
N VAL B 31 -22.46 14.13 12.32
CA VAL B 31 -21.34 14.93 11.87
C VAL B 31 -21.84 16.10 11.03
N VAL B 32 -21.40 17.31 11.37
CA VAL B 32 -21.77 18.50 10.59
C VAL B 32 -20.58 19.17 9.92
N ASP B 33 -19.37 18.74 10.26
CA ASP B 33 -18.19 19.23 9.55
C ASP B 33 -17.05 18.24 9.71
N ALA B 34 -16.07 18.28 8.81
CA ALA B 34 -14.97 17.33 8.85
C ALA B 34 -13.73 17.89 8.16
N ARG B 35 -12.57 17.47 8.67
CA ARG B 35 -11.28 17.77 8.07
CA ARG B 35 -11.27 17.78 8.09
C ARG B 35 -10.40 16.54 8.14
N LEU B 36 -9.82 16.16 6.99
CA LEU B 36 -8.85 15.06 6.95
CA LEU B 36 -8.85 15.06 6.95
C LEU B 36 -7.44 15.59 6.76
N SER B 37 -6.51 15.05 7.54
CA SER B 37 -5.11 15.47 7.54
CA SER B 37 -5.12 15.48 7.49
C SER B 37 -4.17 14.31 7.24
N GLY B 38 -3.54 14.31 6.07
CA GLY B 38 -2.46 13.37 5.81
C GLY B 38 -1.19 13.89 6.43
N GLY B 39 -0.63 13.15 7.40
CA GLY B 39 0.44 13.66 8.22
C GLY B 39 1.88 13.25 7.92
N MET B 40 2.13 12.55 6.82
CA MET B 40 3.51 12.16 6.52
C MET B 40 3.86 12.41 5.08
N TYR B 41 5.00 13.07 4.87
CA TYR B 41 5.45 13.43 3.53
C TYR B 41 6.86 12.88 3.27
N ARG B 42 7.07 12.41 2.03
CA ARG B 42 8.39 12.00 1.58
C ARG B 42 8.93 12.79 0.38
N GLY B 43 8.07 13.11 -0.59
CA GLY B 43 8.46 13.93 -1.74
C GLY B 43 9.09 13.17 -2.89
N PHE B 44 8.44 12.08 -3.29
CA PHE B 44 8.89 11.30 -4.42
C PHE B 44 9.07 12.14 -5.68
N GLU B 45 8.21 13.13 -5.90
CA GLU B 45 8.27 13.91 -7.13
C GLU B 45 9.58 14.69 -7.22
N THR B 46 10.17 15.06 -6.09
CA THR B 46 11.48 15.71 -6.13
C THR B 46 12.64 14.72 -6.07
N ILE B 47 12.45 13.63 -5.34
CA ILE B 47 13.48 12.58 -5.27
C ILE B 47 13.77 12.02 -6.67
N LEU B 48 12.72 11.89 -7.48
CA LEU B 48 12.85 11.33 -8.82
C LEU B 48 13.66 12.18 -9.80
N ARG B 49 13.68 13.50 -9.61
CA ARG B 49 14.36 14.38 -10.54
C ARG B 49 15.84 14.04 -10.73
N GLY B 50 16.30 14.03 -11.96
CA GLY B 50 17.70 13.82 -12.24
C GLY B 50 18.11 12.38 -12.50
N ARG B 51 17.20 11.46 -12.26
CA ARG B 51 17.50 10.02 -12.39
C ARG B 51 17.31 9.54 -13.82
N ASP B 52 17.97 8.42 -14.15
CA ASP B 52 17.65 7.65 -15.34
C ASP B 52 16.14 7.38 -15.28
N PRO B 53 15.38 7.73 -16.36
CA PRO B 53 13.91 7.55 -16.28
C PRO B 53 13.47 6.10 -15.99
N ARG B 54 14.27 5.12 -16.42
CA ARG B 54 13.90 3.72 -16.18
C ARG B 54 13.87 3.39 -14.70
N ASP B 55 14.63 4.13 -13.89
CA ASP B 55 14.61 3.89 -12.43
C ASP B 55 13.22 4.17 -11.84
N ALA B 56 12.43 5.00 -12.50
CA ALA B 56 11.15 5.39 -11.91
C ALA B 56 10.27 4.21 -11.61
N SER B 57 10.30 3.20 -12.48
CA SER B 57 9.37 2.09 -12.30
C SER B 57 9.70 1.21 -11.10
N GLN B 58 10.89 1.38 -10.52
CA GLN B 58 11.21 0.82 -9.21
C GLN B 58 10.95 1.83 -8.11
N ILE B 59 11.46 3.05 -8.23
CA ILE B 59 11.33 4.03 -7.16
C ILE B 59 9.86 4.30 -6.79
N VAL B 60 9.00 4.44 -7.78
CA VAL B 60 7.61 4.85 -7.48
C VAL B 60 6.83 3.80 -6.71
N GLN B 61 7.23 2.55 -6.78
CA GLN B 61 6.50 1.52 -6.05
C GLN B 61 6.58 1.73 -4.55
N ARG B 62 7.66 2.35 -4.10
CA ARG B 62 7.89 2.60 -2.67
C ARG B 62 7.04 3.76 -2.15
N ILE B 63 6.21 4.33 -3.02
CA ILE B 63 5.16 5.19 -2.54
C ILE B 63 4.21 4.41 -1.62
N GLY B 65 3.37 0.21 -0.28
CA GLY B 65 3.62 -1.22 -0.37
C GLY B 65 2.37 -2.07 -0.43
N VAL B 66 1.19 -1.44 -0.33
CA VAL B 66 -0.08 -2.15 -0.52
C VAL B 66 -0.49 -2.18 -2.01
N CYS B 67 -0.29 -1.06 -2.71
CA CYS B 67 -0.64 -0.95 -4.14
C CYS B 67 0.59 -0.69 -5.07
N PRO B 68 1.73 -1.34 -4.83
CA PRO B 68 2.89 -0.97 -5.65
C PRO B 68 2.73 -1.33 -7.11
N THR B 69 2.01 -2.41 -7.43
CA THR B 69 1.78 -2.78 -8.81
C THR B 69 1.03 -1.70 -9.59
N ALA B 70 0.17 -0.93 -8.93
CA ALA B 70 -0.52 0.16 -9.62
C ALA B 70 0.47 1.25 -10.04
N HIS B 71 1.35 1.64 -9.13
CA HIS B 71 2.37 2.63 -9.46
C HIS B 71 3.34 2.10 -10.51
N SER B 72 3.72 0.83 -10.38
CA SER B 72 4.54 0.20 -11.42
C SER B 72 3.89 0.35 -12.78
N THR B 73 2.61 0.00 -12.84
CA THR B 73 1.86 0.02 -14.08
C THR B 73 1.75 1.44 -14.64
N ALA B 74 1.37 2.40 -13.82
CA ALA B 74 1.26 3.77 -14.33
C ALA B 74 2.62 4.29 -14.83
N SER B 75 3.67 3.93 -14.10
CA SER B 75 5.01 4.40 -14.45
C SER B 75 5.45 3.77 -15.77
N VAL B 76 5.31 2.47 -15.91
CA VAL B 76 5.76 1.86 -17.18
C VAL B 76 4.89 2.29 -18.35
N LEU B 77 3.60 2.56 -18.13
CA LEU B 77 2.79 3.10 -19.22
C LEU B 77 3.26 4.49 -19.64
N ALA B 78 3.61 5.32 -18.65
CA ALA B 78 4.15 6.66 -18.95
C ALA B 78 5.48 6.56 -19.68
N LEU B 79 6.35 5.66 -19.22
CA LEU B 79 7.64 5.44 -19.86
C LEU B 79 7.45 4.86 -21.25
N ASP B 80 6.52 3.90 -21.40
CA ASP B 80 6.27 3.35 -22.72
C ASP B 80 5.93 4.47 -23.71
N GLU B 81 5.05 5.37 -23.29
CA GLU B 81 4.65 6.47 -24.16
C GLU B 81 5.83 7.40 -24.44
N ALA B 82 6.56 7.78 -23.40
CA ALA B 82 7.70 8.68 -23.56
C ALA B 82 8.80 8.10 -24.44
N PHE B 83 9.06 6.80 -24.29
CA PHE B 83 10.16 6.16 -25.03
C PHE B 83 9.70 5.69 -26.41
N GLY B 84 8.40 5.66 -26.66
CA GLY B 84 7.87 5.06 -27.88
C GLY B 84 8.07 3.56 -27.89
N ALA B 85 7.99 2.93 -26.73
CA ALA B 85 8.13 1.48 -26.62
C ALA B 85 6.85 0.77 -27.05
N LYS B 86 6.97 -0.20 -27.94
CA LYS B 86 5.84 -0.99 -28.37
C LYS B 86 5.84 -2.33 -27.63
N VAL B 87 5.02 -2.40 -26.58
CA VAL B 87 4.94 -3.57 -25.73
C VAL B 87 4.34 -4.71 -26.54
N PRO B 88 5.05 -5.84 -26.61
CA PRO B 88 4.46 -6.97 -27.33
C PRO B 88 3.14 -7.38 -26.70
N ASN B 89 2.24 -7.88 -27.53
CA ASN B 89 0.93 -8.32 -27.06
C ASN B 89 1.04 -9.25 -25.85
N ASN B 90 1.94 -10.22 -25.90
CA ASN B 90 2.05 -11.15 -24.79
C ASN B 90 2.53 -10.49 -23.50
N GLY B 91 3.30 -9.40 -23.63
CA GLY B 91 3.73 -8.62 -22.48
C GLY B 91 2.61 -7.81 -21.86
N ARG B 92 1.72 -7.29 -22.72
CA ARG B 92 0.52 -6.61 -22.25
C ARG B 92 -0.31 -7.54 -21.38
N ILE B 93 -0.49 -8.77 -21.85
CA ILE B 93 -1.32 -9.73 -21.11
C ILE B 93 -0.62 -10.16 -19.81
N THR B 94 0.69 -10.37 -19.87
CA THR B 94 1.47 -10.74 -18.69
C THR B 94 1.36 -9.64 -17.62
N ARG B 95 1.51 -8.38 -18.02
CA ARG B 95 1.31 -7.27 -17.08
C ARG B 95 -0.07 -7.33 -16.42
N ASN B 96 -1.10 -7.62 -17.21
CA ASN B 96 -2.46 -7.75 -16.64
C ASN B 96 -2.54 -8.87 -15.59
N LEU B 97 -1.86 -10.00 -15.82
CA LEU B 97 -1.83 -11.07 -14.81
C LEU B 97 -1.11 -10.66 -13.52
N ILE B 98 -0.05 -9.88 -13.63
CA ILE B 98 0.69 -9.41 -12.49
C ILE B 98 -0.17 -8.45 -11.67
N PHE B 99 -0.73 -7.44 -12.34
CA PHE B 99 -1.48 -6.39 -11.67
C PHE B 99 -2.85 -6.89 -11.20
N GLY B 100 -3.52 -7.67 -12.03
CA GLY B 100 -4.82 -8.23 -11.66
C GLY B 100 -4.79 -9.03 -10.38
N ALA B 101 -3.73 -9.81 -10.18
CA ALA B 101 -3.59 -10.59 -8.98
C ALA B 101 -3.52 -9.70 -7.74
N ASN B 102 -2.95 -8.50 -7.83
CA ASN B 102 -2.97 -7.63 -6.67
C ASN B 102 -4.31 -6.94 -6.41
N TYR B 103 -5.16 -6.79 -7.42
CA TYR B 103 -6.52 -6.34 -7.13
C TYR B 103 -7.17 -7.34 -6.18
N LEU B 104 -6.99 -8.63 -6.46
CA LEU B 104 -7.58 -9.66 -5.60
C LEU B 104 -6.98 -9.56 -4.19
N GLN B 105 -5.66 -9.43 -4.10
CA GLN B 105 -5.01 -9.32 -2.81
C GLN B 105 -5.54 -8.12 -2.03
N SER B 106 -5.65 -7.00 -2.71
CA SER B 106 -5.89 -5.74 -2.04
C SER B 106 -7.33 -5.66 -1.55
N HIS B 107 -8.27 -6.10 -2.37
CA HIS B 107 -9.69 -6.07 -1.95
C HIS B 107 -9.94 -7.03 -0.78
N ILE B 108 -9.31 -8.21 -0.82
CA ILE B 108 -9.47 -9.18 0.26
C ILE B 108 -8.82 -8.65 1.54
N LEU B 109 -7.62 -8.11 1.43
CA LEU B 109 -6.94 -7.45 2.55
C LEU B 109 -7.85 -6.38 3.12
N HIS B 110 -8.42 -5.56 2.25
CA HIS B 110 -9.20 -4.44 2.72
C HIS B 110 -10.43 -4.90 3.47
N PHE B 111 -11.21 -5.78 2.88
CA PHE B 111 -12.45 -6.14 3.57
C PHE B 111 -12.16 -6.88 4.87
N TYR B 112 -11.31 -7.89 4.83
CA TYR B 112 -11.11 -8.69 6.04
C TYR B 112 -10.16 -8.07 7.06
N HIS B 113 -8.96 -7.69 6.63
CA HIS B 113 -7.92 -7.32 7.59
C HIS B 113 -7.95 -5.87 7.98
N LEU B 114 -8.57 -5.04 7.15
CA LEU B 114 -8.75 -3.63 7.51
C LEU B 114 -10.17 -3.38 7.99
N SER B 115 -11.19 -3.78 7.23
CA SER B 115 -12.56 -3.36 7.53
C SER B 115 -13.35 -4.25 8.46
N ALA B 116 -13.14 -5.56 8.40
CA ALA B 116 -14.10 -6.45 9.05
C ALA B 116 -14.20 -6.25 10.55
N GLN B 117 -13.13 -5.84 11.21
CA GLN B 117 -13.22 -5.60 12.65
C GLN B 117 -14.20 -4.48 13.00
N ASP B 118 -14.64 -3.68 12.01
CA ASP B 118 -15.69 -2.69 12.25
C ASP B 118 -17.02 -3.36 12.60
N PHE B 119 -17.18 -4.63 12.23
CA PHE B 119 -18.43 -5.35 12.38
C PHE B 119 -18.27 -6.67 13.14
N VAL B 120 -17.03 -7.11 13.29
CA VAL B 120 -16.71 -8.42 13.86
C VAL B 120 -15.80 -8.28 15.07
N GLN B 121 -16.14 -8.94 16.17
CA GLN B 121 -15.27 -8.98 17.34
C GLN B 121 -14.23 -10.08 17.19
N GLY B 122 -12.95 -9.71 17.23
CA GLY B 122 -11.87 -10.67 17.13
C GLY B 122 -11.59 -11.36 18.46
N PRO B 123 -10.66 -12.32 18.46
CA PRO B 123 -10.35 -13.03 19.70
C PRO B 123 -9.77 -12.12 20.79
N ASP B 124 -9.79 -12.59 22.01
CA ASP B 124 -9.48 -11.77 23.16
C ASP B 124 -7.98 -11.64 23.38
N THR B 125 -7.28 -11.12 22.38
CA THR B 125 -5.87 -10.85 22.51
C THR B 125 -5.47 -9.78 21.53
N ALA B 126 -4.38 -9.07 21.81
CA ALA B 126 -3.90 -8.05 20.89
C ALA B 126 -3.57 -8.70 19.55
N PRO B 127 -3.82 -7.99 18.44
CA PRO B 127 -4.25 -6.61 18.30
C PRO B 127 -5.77 -6.43 18.18
N PHE B 128 -6.54 -7.39 18.64
CA PHE B 128 -8.01 -7.36 18.47
C PHE B 128 -8.72 -6.74 19.67
N VAL B 129 -7.96 -6.53 20.73
CA VAL B 129 -8.44 -5.84 21.94
C VAL B 129 -7.25 -5.05 22.45
N PRO B 130 -7.51 -4.00 23.23
CA PRO B 130 -8.84 -3.50 23.61
C PRO B 130 -9.44 -2.67 22.46
N ARG B 131 -10.71 -2.31 22.60
CA ARG B 131 -11.37 -1.47 21.61
C ARG B 131 -12.52 -0.72 22.30
N PHE B 132 -13.35 -0.01 21.55
CA PHE B 132 -14.41 0.77 22.19
C PHE B 132 -15.29 -0.12 23.03
N PRO B 133 -15.64 0.35 24.24
CA PRO B 133 -16.58 -0.38 25.10
C PRO B 133 -17.92 -0.66 24.40
N LYS B 134 -18.41 0.29 23.62
CA LYS B 134 -19.63 0.10 22.84
C LYS B 134 -19.30 0.18 21.36
N SER B 135 -18.81 -0.95 20.82
CA SER B 135 -18.31 -0.99 19.46
C SER B 135 -19.38 -1.24 18.39
N ASP B 136 -20.62 -1.43 18.83
CA ASP B 136 -21.76 -1.64 17.91
C ASP B 136 -21.49 -2.84 17.01
N LEU B 137 -21.22 -3.97 17.64
CA LEU B 137 -20.92 -5.20 16.93
C LEU B 137 -22.16 -6.09 17.03
N ARG B 138 -22.90 -6.19 15.93
CA ARG B 138 -24.27 -6.67 15.93
C ARG B 138 -24.46 -8.13 15.53
N LEU B 139 -23.38 -8.80 15.15
CA LEU B 139 -23.53 -10.10 14.53
C LEU B 139 -23.81 -11.15 15.59
N SER B 140 -24.59 -12.17 15.22
CA SER B 140 -24.85 -13.31 16.09
C SER B 140 -23.54 -14.04 16.37
N LYS B 141 -23.55 -14.88 17.39
CA LYS B 141 -22.39 -15.68 17.70
C LYS B 141 -21.89 -16.43 16.46
N GLU B 142 -22.82 -17.01 15.73
CA GLU B 142 -22.49 -17.82 14.56
C GLU B 142 -21.90 -16.97 13.45
N LEU B 143 -22.53 -15.84 13.13
CA LEU B 143 -22.06 -15.01 12.03
C LEU B 143 -20.76 -14.31 12.39
N ASN B 144 -20.61 -13.95 13.68
CA ASN B 144 -19.34 -13.36 14.10
C ASN B 144 -18.23 -14.40 13.96
N LYS B 145 -18.50 -15.64 14.33
CA LYS B 145 -17.50 -16.68 14.21
C LYS B 145 -17.14 -16.92 12.75
N ALA B 146 -18.12 -16.89 11.85
CA ALA B 146 -17.82 -16.99 10.42
C ALA B 146 -16.90 -15.85 9.98
N GLY B 147 -17.13 -14.65 10.51
CA GLY B 147 -16.27 -13.52 10.21
C GLY B 147 -14.83 -13.77 10.65
N VAL B 148 -14.67 -14.27 11.86
CA VAL B 148 -13.33 -14.55 12.37
C VAL B 148 -12.68 -15.67 11.56
N ASP B 149 -13.42 -16.75 11.32
CA ASP B 149 -12.89 -17.86 10.54
C ASP B 149 -12.46 -17.39 9.15
N GLN B 150 -13.24 -16.53 8.53
CA GLN B 150 -12.92 -16.03 7.19
C GLN B 150 -11.75 -15.05 7.21
N TYR B 151 -11.62 -14.25 8.26
CA TYR B 151 -10.46 -13.37 8.42
C TYR B 151 -9.19 -14.24 8.42
N ILE B 152 -9.23 -15.32 9.18
CA ILE B 152 -8.08 -16.22 9.29
CA ILE B 152 -8.08 -16.21 9.28
C ILE B 152 -7.80 -16.89 7.95
N GLU B 153 -8.84 -17.40 7.29
CA GLU B 153 -8.67 -18.00 5.97
C GLU B 153 -8.15 -16.97 4.97
N ALA B 154 -8.68 -15.76 5.03
CA ALA B 154 -8.25 -14.70 4.12
C ALA B 154 -6.77 -14.36 4.28
N LEU B 155 -6.18 -14.54 5.45
CA LEU B 155 -4.73 -14.31 5.59
C LEU B 155 -3.99 -15.24 4.61
N GLU B 156 -4.45 -16.47 4.46
CA GLU B 156 -3.81 -17.39 3.54
CA GLU B 156 -3.82 -17.40 3.54
C GLU B 156 -4.14 -17.00 2.11
N VAL B 157 -5.39 -16.67 1.85
CA VAL B 157 -5.79 -16.36 0.48
C VAL B 157 -5.06 -15.12 -0.04
N ARG B 158 -4.96 -14.05 0.74
CA ARG B 158 -4.25 -12.87 0.23
C ARG B 158 -2.76 -13.17 0.01
N ARG B 159 -2.19 -14.06 0.81
CA ARG B 159 -0.79 -14.45 0.63
C ARG B 159 -0.64 -15.20 -0.70
N ILE B 160 -1.56 -16.09 -1.00
CA ILE B 160 -1.60 -16.79 -2.29
C ILE B 160 -1.72 -15.81 -3.45
N CYS B 161 -2.48 -14.73 -3.27
CA CYS B 161 -2.59 -13.74 -4.33
C CYS B 161 -1.24 -13.10 -4.60
N HIS B 162 -0.45 -12.84 -3.55
CA HIS B 162 0.91 -12.32 -3.76
C HIS B 162 1.83 -13.36 -4.41
N GLU B 163 1.62 -14.65 -4.16
CA GLU B 163 2.36 -15.67 -4.92
C GLU B 163 2.03 -15.56 -6.40
N MET B 164 0.77 -15.35 -6.72
CA MET B 164 0.35 -15.15 -8.11
C MET B 164 1.04 -13.94 -8.71
N VAL B 165 1.11 -12.84 -7.97
CA VAL B 165 1.81 -11.65 -8.45
C VAL B 165 3.28 -11.97 -8.73
N ALA B 166 3.91 -12.66 -7.80
CA ALA B 166 5.34 -12.93 -7.90
C ALA B 166 5.71 -13.91 -9.01
N LEU B 167 4.78 -14.76 -9.42
CA LEU B 167 5.10 -15.75 -10.45
C LEU B 167 5.72 -15.11 -11.69
N PHE B 168 5.11 -14.02 -12.16
CA PHE B 168 5.68 -13.29 -13.30
C PHE B 168 6.21 -11.93 -12.90
N GLY B 169 5.96 -11.51 -11.67
CA GLY B 169 6.45 -10.22 -11.21
C GLY B 169 7.70 -10.21 -10.37
N GLY B 170 8.21 -11.39 -10.00
CA GLY B 170 9.48 -11.49 -9.30
C GLY B 170 9.39 -11.62 -7.78
N ARG B 171 8.71 -10.66 -7.18
CA ARG B 171 8.43 -10.65 -5.75
C ARG B 171 7.35 -9.63 -5.49
N MET B 172 6.80 -9.65 -4.27
CA MET B 172 5.80 -8.69 -3.88
C MET B 172 5.84 -8.59 -2.35
N PRO B 173 5.80 -7.36 -1.80
CA PRO B 173 5.77 -6.05 -2.45
C PRO B 173 6.94 -5.76 -3.35
N HIS B 174 6.65 -4.90 -4.33
CA HIS B 174 7.64 -4.25 -5.20
C HIS B 174 8.14 -5.17 -6.27
N VAL B 175 7.32 -5.27 -7.31
CA VAL B 175 7.65 -6.16 -8.41
C VAL B 175 8.91 -5.71 -9.15
N GLN B 176 9.64 -6.70 -9.65
CA GLN B 176 10.77 -6.46 -10.54
C GLN B 176 10.34 -6.63 -11.99
N GLY B 177 9.18 -7.21 -12.24
CA GLY B 177 8.84 -7.75 -13.55
C GLY B 177 8.20 -6.85 -14.57
N GLN B 178 7.86 -5.62 -14.19
CA GLN B 178 7.34 -4.65 -15.15
C GLN B 178 8.39 -3.58 -15.39
N VAL B 179 8.70 -3.36 -16.66
CA VAL B 179 9.67 -2.34 -17.06
C VAL B 179 9.14 -1.63 -18.29
N VAL B 180 9.75 -0.51 -18.66
CA VAL B 180 9.42 0.09 -19.95
C VAL B 180 9.64 -0.99 -21.02
N GLY B 181 8.70 -1.10 -21.96
CA GLY B 181 8.81 -2.09 -23.00
C GLY B 181 8.11 -3.43 -22.74
N GLY B 182 7.64 -3.67 -21.50
CA GLY B 182 6.79 -4.82 -21.28
C GLY B 182 6.98 -5.49 -19.93
N ALA B 183 7.20 -6.80 -19.98
CA ALA B 183 7.36 -7.61 -18.78
C ALA B 183 8.64 -8.42 -18.95
N THR B 184 9.35 -8.60 -17.85
CA THR B 184 10.73 -9.12 -17.91
C THR B 184 10.86 -10.63 -18.00
N GLU B 185 9.76 -11.36 -17.78
CA GLU B 185 9.79 -12.81 -17.77
C GLU B 185 8.64 -13.39 -18.58
N ILE B 186 8.98 -14.10 -19.64
CA ILE B 186 8.01 -14.80 -20.45
C ILE B 186 7.33 -15.90 -19.63
N PRO B 187 6.00 -15.93 -19.59
CA PRO B 187 5.33 -17.02 -18.87
CA PRO B 187 5.32 -17.02 -18.87
C PRO B 187 5.57 -18.38 -19.51
N THR B 188 5.95 -19.35 -18.69
CA THR B 188 6.13 -20.71 -19.16
C THR B 188 4.88 -21.54 -18.89
N LYS B 189 4.71 -22.63 -19.61
CA LYS B 189 3.57 -23.51 -19.39
C LYS B 189 3.49 -23.92 -17.92
N GLU B 190 4.64 -24.28 -17.35
CA GLU B 190 4.69 -24.75 -15.98
C GLU B 190 4.23 -23.67 -15.01
N LYS B 191 4.69 -22.44 -15.20
CA LYS B 191 4.32 -21.39 -14.25
C LYS B 191 2.88 -20.92 -14.48
N LEU B 192 2.35 -21.09 -15.69
CA LEU B 192 0.94 -20.77 -15.90
C LEU B 192 0.04 -21.80 -15.21
N VAL B 193 0.47 -23.05 -15.14
CA VAL B 193 -0.25 -24.04 -14.33
C VAL B 193 -0.25 -23.61 -12.85
N GLU B 194 0.91 -23.17 -12.35
CA GLU B 194 1.01 -22.72 -10.96
C GLU B 194 0.09 -21.52 -10.69
N TYR B 195 0.04 -20.57 -11.61
CA TYR B 195 -0.81 -19.39 -11.44
C TYR B 195 -2.27 -19.82 -11.41
N ALA B 196 -2.66 -20.67 -12.35
CA ALA B 196 -4.05 -21.12 -12.44
C ALA B 196 -4.49 -21.90 -11.19
N ALA B 197 -3.60 -22.70 -10.62
CA ALA B 197 -3.97 -23.51 -9.45
C ALA B 197 -4.24 -22.59 -8.26
N ARG B 198 -3.41 -21.57 -8.09
CA ARG B 198 -3.60 -20.61 -7.01
C ARG B 198 -4.86 -19.81 -7.26
N PHE B 199 -5.05 -19.40 -8.51
CA PHE B 199 -6.22 -18.61 -8.88
C PHE B 199 -7.54 -19.36 -8.59
N LYS B 200 -7.57 -20.67 -8.83
CA LYS B 200 -8.74 -21.45 -8.48
C LYS B 200 -9.09 -21.34 -6.99
N LYS B 201 -8.08 -21.41 -6.14
CA LYS B 201 -8.30 -21.29 -4.70
C LYS B 201 -8.85 -19.91 -4.36
N VAL B 202 -8.29 -18.87 -4.97
CA VAL B 202 -8.76 -17.53 -4.69
C VAL B 202 -10.19 -17.34 -5.19
N ARG B 203 -10.46 -17.80 -6.40
CA ARG B 203 -11.82 -17.75 -6.96
C ARG B 203 -12.82 -18.39 -6.01
N ASP B 204 -12.52 -19.60 -5.54
CA ASP B 204 -13.46 -20.30 -4.67
C ASP B 204 -13.74 -19.48 -3.41
N PHE B 205 -12.70 -18.86 -2.85
CA PHE B 205 -12.87 -18.05 -1.64
C PHE B 205 -13.72 -16.82 -1.94
N VAL B 206 -13.45 -16.18 -3.06
CA VAL B 206 -14.20 -14.98 -3.42
C VAL B 206 -15.68 -15.31 -3.63
N GLU B 207 -15.95 -16.37 -4.37
CA GLU B 207 -17.30 -16.76 -4.72
C GLU B 207 -18.10 -17.30 -3.53
N GLN B 208 -17.46 -18.08 -2.67
CA GLN B 208 -18.19 -18.85 -1.66
C GLN B 208 -18.19 -18.17 -0.30
N LYS B 209 -17.20 -17.32 -0.04
CA LYS B 209 -17.04 -16.71 1.27
C LYS B 209 -17.15 -15.18 1.24
N TYR B 210 -16.29 -14.52 0.46
CA TYR B 210 -16.17 -13.06 0.52
C TYR B 210 -17.41 -12.34 0.00
N VAL B 211 -17.83 -12.60 -1.24
CA VAL B 211 -19.00 -11.86 -1.73
C VAL B 211 -20.24 -12.13 -0.84
N PRO B 212 -20.51 -13.41 -0.49
CA PRO B 212 -21.66 -13.60 0.38
C PRO B 212 -21.54 -12.93 1.76
N VAL B 213 -20.34 -12.88 2.35
CA VAL B 213 -20.26 -12.34 3.70
C VAL B 213 -20.47 -10.83 3.71
N VAL B 214 -20.11 -10.15 2.62
CA VAL B 214 -20.31 -8.70 2.57
C VAL B 214 -21.80 -8.36 2.52
N TYR B 215 -22.57 -9.05 1.68
CA TYR B 215 -24.01 -8.86 1.69
C TYR B 215 -24.64 -9.28 3.01
N THR B 216 -24.17 -10.37 3.60
CA THR B 216 -24.79 -10.90 4.82
C THR B 216 -24.53 -9.96 6.00
N ILE B 217 -23.28 -9.54 6.18
CA ILE B 217 -22.99 -8.53 7.21
C ILE B 217 -23.74 -7.22 6.91
N GLY B 218 -23.75 -6.83 5.64
CA GLY B 218 -24.48 -5.63 5.25
C GLY B 218 -25.93 -5.68 5.64
N SER B 219 -26.54 -6.86 5.57
CA SER B 219 -27.97 -6.98 5.88
C SER B 219 -28.27 -6.80 7.38
N LYS B 220 -27.23 -6.84 8.21
CA LYS B 220 -27.36 -6.61 9.65
C LYS B 220 -27.02 -5.16 9.98
N TYR B 221 -26.57 -4.43 8.97
CA TYR B 221 -26.18 -3.02 9.08
C TYR B 221 -26.86 -2.19 7.98
N LYS B 222 -28.16 -2.38 7.81
CA LYS B 222 -28.88 -1.75 6.71
C LYS B 222 -28.86 -0.24 6.83
N ASP B 223 -28.70 0.25 8.06
CA ASP B 223 -28.62 1.67 8.28
C ASP B 223 -27.40 2.27 7.59
N MET B 224 -26.39 1.44 7.35
CA MET B 224 -25.15 1.93 6.75
C MET B 224 -25.25 2.16 5.24
N PHE B 225 -26.38 1.79 4.64
CA PHE B 225 -26.66 2.15 3.25
C PHE B 225 -27.34 3.53 3.13
N LYS B 226 -27.64 4.16 4.26
CA LYS B 226 -28.42 5.40 4.25
C LYS B 226 -27.59 6.63 4.62
N VAL B 227 -26.28 6.44 4.75
CA VAL B 227 -25.36 7.53 5.11
C VAL B 227 -24.06 7.38 4.33
N GLY B 228 -23.30 8.48 4.27
CA GLY B 228 -22.03 8.50 3.58
C GLY B 228 -22.09 8.81 2.10
N GLN B 229 -23.17 9.41 1.64
CA GLN B 229 -23.32 9.74 0.22
C GLN B 229 -22.33 10.78 -0.28
N GLY B 230 -22.03 11.78 0.54
CA GLY B 230 -21.17 12.86 0.11
C GLY B 230 -21.69 13.54 -1.15
N PHE B 231 -20.77 13.81 -2.09
CA PHE B 231 -21.13 14.50 -3.33
C PHE B 231 -21.84 13.62 -4.34
N LYS B 232 -21.80 12.30 -4.15
CA LYS B 232 -22.34 11.35 -5.15
C LYS B 232 -21.75 11.67 -6.53
N ALA B 233 -20.43 11.82 -6.56
CA ALA B 233 -19.72 12.18 -7.79
C ALA B 233 -18.46 11.33 -7.89
N ALA B 234 -18.20 10.79 -9.09
CA ALA B 234 -17.20 9.74 -9.28
C ALA B 234 -16.36 9.95 -10.54
N LEU B 235 -15.15 9.42 -10.49
CA LEU B 235 -14.19 9.47 -11.59
C LEU B 235 -13.63 8.08 -11.90
N CYS B 236 -13.49 7.79 -13.19
CA CYS B 236 -12.73 6.63 -13.66
C CYS B 236 -11.93 7.05 -14.88
N VAL B 237 -10.63 6.72 -14.88
CA VAL B 237 -9.77 7.10 -15.99
C VAL B 237 -9.45 5.94 -16.95
N GLY B 238 -10.01 4.77 -16.66
CA GLY B 238 -9.82 3.61 -17.52
C GLY B 238 -8.65 2.74 -17.08
N ALA B 239 -8.74 1.43 -17.30
CA ALA B 239 -7.68 0.51 -16.90
C ALA B 239 -7.83 -0.86 -17.55
N PHE B 240 -6.67 -1.53 -17.68
CA PHE B 240 -6.56 -2.88 -18.22
C PHE B 240 -6.97 -2.97 -19.68
N PRO B 241 -5.95 -2.74 -20.52
N PRO B 241 -6.19 -2.44 -20.65
CA PRO B 241 -6.04 -2.86 -21.96
CA PRO B 241 -6.97 -2.48 -21.91
C PRO B 241 -6.33 -4.29 -22.36
C PRO B 241 -7.43 -3.87 -22.42
N LEU B 242 -7.40 -4.43 -23.10
N LEU B 242 -8.25 -3.90 -23.49
CA LEU B 242 -7.93 -5.72 -23.53
CA LEU B 242 -8.79 -5.16 -24.02
C LEU B 242 -7.54 -6.04 -24.94
C LEU B 242 -7.97 -5.78 -25.16
N ASP B 243 -6.93 -5.07 -25.63
CA ASP B 243 -6.29 -5.34 -26.90
C ASP B 243 -5.07 -4.46 -27.04
N ASN B 244 -4.35 -4.58 -28.15
CA ASN B 244 -3.17 -3.77 -28.38
CA ASN B 244 -3.15 -3.80 -28.40
C ASN B 244 -3.42 -2.46 -29.08
N SER B 245 -4.68 -2.18 -29.38
CA SER B 245 -5.01 -0.96 -30.10
C SER B 245 -5.32 0.16 -29.13
N GLY B 246 -5.60 -0.22 -27.88
CA GLY B 246 -5.83 0.75 -26.83
C GLY B 246 -7.22 1.35 -26.87
N LYS B 247 -8.10 0.77 -27.69
CA LYS B 247 -9.44 1.33 -27.83
C LYS B 247 -10.40 0.73 -26.80
N LYS B 248 -9.93 -0.24 -26.03
CA LYS B 248 -10.82 -0.99 -25.14
C LYS B 248 -10.12 -1.39 -23.86
N HIS B 249 -10.83 -1.21 -22.73
CA HIS B 249 -10.29 -1.53 -21.41
CA HIS B 249 -10.30 -1.50 -21.40
C HIS B 249 -11.35 -2.23 -20.55
N LEU B 250 -10.89 -3.02 -19.59
CA LEU B 250 -11.79 -3.70 -18.68
C LEU B 250 -12.71 -2.67 -17.98
N PHE B 251 -12.11 -1.56 -17.56
CA PHE B 251 -12.85 -0.42 -17.02
C PHE B 251 -12.72 0.76 -17.98
N MET B 252 -13.84 1.24 -18.48
CA MET B 252 -13.88 2.37 -19.39
CA MET B 252 -13.82 2.36 -19.39
C MET B 252 -13.91 3.68 -18.63
N PRO B 253 -13.27 4.73 -19.15
CA PRO B 253 -13.24 6.03 -18.47
C PRO B 253 -14.61 6.73 -18.46
N GLY B 254 -14.82 7.57 -17.45
CA GLY B 254 -16.00 8.39 -17.39
C GLY B 254 -16.05 9.16 -16.09
N VAL B 255 -16.85 10.22 -16.10
CA VAL B 255 -17.12 11.02 -14.91
C VAL B 255 -18.64 11.00 -14.64
N TYR B 256 -19.01 11.00 -13.37
CA TYR B 256 -20.42 11.08 -13.00
C TYR B 256 -20.57 12.12 -11.90
N ALA B 257 -21.41 13.12 -12.11
CA ALA B 257 -21.63 14.12 -11.08
C ALA B 257 -22.98 14.75 -11.32
N LYS B 258 -23.62 15.16 -10.23
CA LYS B 258 -24.93 15.82 -10.29
C LYS B 258 -25.91 15.04 -11.17
N GLY B 259 -25.86 13.72 -11.02
CA GLY B 259 -26.79 12.84 -11.71
C GLY B 259 -26.55 12.71 -13.20
N LYS B 260 -25.35 13.07 -13.68
CA LYS B 260 -25.06 13.03 -15.10
C LYS B 260 -23.72 12.35 -15.43
N ASP B 261 -23.76 11.50 -16.44
CA ASP B 261 -22.55 10.90 -17.01
C ASP B 261 -21.93 11.87 -18.00
N MET B 262 -20.60 11.95 -17.97
CA MET B 262 -19.89 12.76 -18.95
CA MET B 262 -19.83 12.84 -18.85
C MET B 262 -18.53 12.12 -19.22
N PRO B 263 -17.90 12.50 -20.34
CA PRO B 263 -16.60 11.91 -20.67
C PRO B 263 -15.51 12.39 -19.71
N PHE B 264 -14.40 11.66 -19.66
CA PHE B 264 -13.22 12.09 -18.91
C PHE B 264 -12.23 12.82 -19.81
N ASP B 265 -11.90 14.05 -19.45
CA ASP B 265 -10.92 14.88 -20.17
C ASP B 265 -9.81 15.23 -19.18
N PRO B 266 -8.62 14.63 -19.33
CA PRO B 266 -7.60 14.85 -18.29
C PRO B 266 -7.09 16.29 -18.20
N SER B 267 -7.37 17.12 -19.21
CA SER B 267 -6.95 18.51 -19.17
C SER B 267 -7.71 19.28 -18.09
N LYS B 268 -8.79 18.69 -17.60
CA LYS B 268 -9.65 19.38 -16.63
C LYS B 268 -9.24 19.15 -15.18
N ILE B 269 -8.17 18.38 -14.98
CA ILE B 269 -7.63 18.13 -13.64
C ILE B 269 -6.73 19.30 -13.20
N LYS B 270 -6.99 19.84 -12.02
CA LYS B 270 -6.10 20.83 -11.42
C LYS B 270 -5.90 20.47 -9.96
N GLU B 271 -4.71 20.75 -9.43
CA GLU B 271 -4.44 20.49 -8.02
C GLU B 271 -4.28 21.80 -7.24
N TYR B 272 -5.12 21.97 -6.23
CA TYR B 272 -5.11 23.16 -5.38
C TYR B 272 -4.37 22.88 -4.07
N VAL B 273 -3.84 23.94 -3.46
CA VAL B 273 -3.07 23.77 -2.25
C VAL B 273 -3.36 24.74 -1.10
N LYS B 274 -4.42 25.54 -1.18
CA LYS B 274 -4.65 26.50 -0.11
C LYS B 274 -4.61 25.85 1.29
N TYR B 275 -5.28 24.70 1.42
CA TYR B 275 -5.36 24.01 2.71
C TYR B 275 -4.34 22.87 2.85
N SER B 276 -3.35 22.90 1.97
CA SER B 276 -2.31 21.88 1.94
C SER B 276 -0.95 22.51 2.23
N TRP B 277 -0.03 21.74 2.80
CA TRP B 277 1.29 22.27 3.19
C TRP B 277 2.28 22.35 2.01
N PHE B 278 1.93 23.21 1.04
CA PHE B 278 2.79 23.45 -0.12
C PHE B 278 2.75 24.93 -0.48
N ALA B 279 3.80 25.40 -1.15
CA ALA B 279 3.94 26.81 -1.50
C ALA B 279 2.75 27.32 -2.28
N GLU B 280 2.22 28.46 -1.84
CA GLU B 280 1.00 29.03 -2.40
C GLU B 280 1.07 29.26 -3.91
N GLU B 281 2.24 29.62 -4.42
CA GLU B 281 2.39 29.94 -5.83
C GLU B 281 2.23 28.71 -6.74
N THR B 282 2.11 27.52 -6.15
CA THR B 282 1.98 26.30 -6.95
C THR B 282 0.53 25.84 -7.08
N THR B 283 -0.41 26.67 -6.64
CA THR B 283 -1.82 26.25 -6.62
C THR B 283 -2.44 26.24 -8.02
N GLY B 284 -3.36 25.30 -8.24
CA GLY B 284 -4.16 25.25 -9.46
C GLY B 284 -3.48 24.74 -10.72
N LEU B 285 -2.46 23.89 -10.55
CA LEU B 285 -1.70 23.39 -11.69
C LEU B 285 -2.24 22.05 -12.19
N ASN B 286 -2.36 21.90 -13.50
CA ASN B 286 -2.55 20.59 -14.13
C ASN B 286 -1.24 19.83 -13.98
N TYR B 287 -1.32 18.50 -13.94
CA TYR B 287 -0.17 17.66 -13.63
C TYR B 287 0.97 17.79 -14.65
N LYS B 288 0.65 18.16 -15.89
CA LYS B 288 1.72 18.31 -16.88
C LYS B 288 2.66 19.45 -16.52
N GLU B 289 2.16 20.38 -15.69
CA GLU B 289 2.95 21.51 -15.23
C GLU B 289 3.06 21.49 -13.71
N GLY B 290 2.88 20.32 -13.12
CA GLY B 290 2.85 20.18 -11.67
C GLY B 290 4.14 20.56 -11.00
N LYS B 291 4.03 21.00 -9.75
CA LYS B 291 5.19 21.38 -8.94
C LYS B 291 4.94 20.93 -7.52
N THR B 292 6.00 20.51 -6.84
CA THR B 292 5.85 20.01 -5.46
C THR B 292 6.89 20.69 -4.57
N ILE B 293 6.43 21.72 -3.85
CA ILE B 293 7.31 22.56 -3.04
C ILE B 293 6.74 22.62 -1.63
N PRO B 294 7.29 21.80 -0.71
CA PRO B 294 6.67 21.69 0.61
C PRO B 294 6.75 22.97 1.45
N ALA B 295 5.72 23.19 2.26
CA ALA B 295 5.62 24.35 3.14
C ALA B 295 4.93 23.92 4.43
N PRO B 296 5.64 23.17 5.29
CA PRO B 296 5.04 22.54 6.46
C PRO B 296 4.56 23.53 7.51
N ASP B 297 4.99 24.79 7.40
CA ASP B 297 4.61 25.82 8.35
C ASP B 297 3.52 26.77 7.85
N LYS B 298 2.98 26.53 6.65
CA LYS B 298 2.04 27.49 6.03
C LYS B 298 0.74 27.60 6.82
N ALA B 299 0.38 28.83 7.20
CA ALA B 299 -0.81 29.06 8.00
C ALA B 299 -2.07 28.60 7.27
N GLY B 300 -3.00 28.01 8.04
CA GLY B 300 -4.30 27.62 7.53
C GLY B 300 -4.36 26.22 6.96
N ALA B 301 -3.22 25.70 6.52
CA ALA B 301 -3.16 24.39 5.88
C ALA B 301 -3.27 23.29 6.94
N TYR B 302 -3.79 22.13 6.53
CA TYR B 302 -3.96 21.03 7.49
C TYR B 302 -3.67 19.65 6.93
N SER B 303 -2.99 19.57 5.79
CA SER B 303 -2.69 18.27 5.21
C SER B 303 -1.55 18.29 4.21
N PHE B 304 -0.82 17.18 4.09
CA PHE B 304 0.17 17.05 3.02
C PHE B 304 -0.45 16.51 1.72
N VAL B 305 -1.76 16.24 1.73
CA VAL B 305 -2.45 15.83 0.53
C VAL B 305 -2.89 17.09 -0.25
N LYS B 306 -2.55 17.18 -1.53
CA LYS B 306 -3.06 18.26 -2.39
C LYS B 306 -4.55 18.05 -2.64
N ALA B 307 -5.23 19.03 -3.23
CA ALA B 307 -6.66 18.94 -3.45
C ALA B 307 -6.96 18.94 -4.94
N PRO B 308 -7.13 17.75 -5.53
CA PRO B 308 -7.38 17.69 -6.97
C PRO B 308 -8.85 17.93 -7.24
N ARG B 309 -9.15 18.68 -8.29
CA ARG B 309 -10.53 18.90 -8.67
C ARG B 309 -10.66 18.67 -10.16
N TYR B 310 -11.81 18.16 -10.56
CA TYR B 310 -12.06 17.88 -11.95
C TYR B 310 -13.08 18.90 -12.49
N ASP B 311 -12.62 19.85 -13.30
CA ASP B 311 -13.48 20.91 -13.79
C ASP B 311 -14.20 21.57 -12.60
N GLY B 312 -13.48 21.73 -11.50
CA GLY B 312 -13.99 22.36 -10.31
C GLY B 312 -14.69 21.43 -9.34
N LEU B 313 -14.89 20.18 -9.76
CA LEU B 313 -15.67 19.21 -9.00
C LEU B 313 -14.81 18.39 -8.06
N SER B 314 -15.35 18.11 -6.87
CA SER B 314 -14.74 17.22 -5.91
C SER B 314 -15.36 15.84 -6.12
N LEU B 315 -14.54 14.89 -6.57
CA LEU B 315 -14.98 13.57 -7.00
C LEU B 315 -14.37 12.47 -6.13
N GLU B 316 -15.01 11.31 -6.07
CA GLU B 316 -14.40 10.15 -5.45
C GLU B 316 -13.99 9.13 -6.51
N VAL B 317 -13.11 8.22 -6.09
CA VAL B 317 -12.62 7.16 -6.94
C VAL B 317 -12.64 5.83 -6.20
N GLY B 318 -12.45 4.73 -6.93
CA GLY B 318 -12.40 3.40 -6.33
C GLY B 318 -13.42 2.45 -6.94
N PRO B 319 -13.59 1.28 -6.30
CA PRO B 319 -14.52 0.30 -6.88
C PRO B 319 -15.93 0.86 -7.12
N LEU B 320 -16.50 1.60 -6.16
CA LEU B 320 -17.80 2.20 -6.38
C LEU B 320 -17.76 3.08 -7.64
N ALA B 321 -16.75 3.93 -7.73
CA ALA B 321 -16.66 4.82 -8.89
C ALA B 321 -16.64 4.03 -10.19
N ARG B 322 -15.78 3.02 -10.25
CA ARG B 322 -15.65 2.23 -11.46
C ARG B 322 -16.91 1.43 -11.79
N MET B 323 -17.51 0.83 -10.77
CA MET B 323 -18.69 0.00 -10.96
C MET B 323 -19.90 0.86 -11.34
N TRP B 324 -20.00 2.06 -10.75
CA TRP B 324 -21.06 2.97 -11.11
C TRP B 324 -20.89 3.48 -12.56
N VAL B 325 -19.67 3.92 -12.90
CA VAL B 325 -19.43 4.44 -14.24
C VAL B 325 -19.66 3.39 -15.31
N ASN B 326 -19.23 2.16 -15.05
CA ASN B 326 -19.27 1.09 -16.06
C ASN B 326 -20.55 0.27 -16.04
N ASN B 327 -21.22 0.28 -14.90
CA ASN B 327 -22.50 -0.42 -14.71
C ASN B 327 -22.53 -1.85 -15.25
N PRO B 328 -21.63 -2.72 -14.73
CA PRO B 328 -21.71 -4.13 -15.14
C PRO B 328 -22.88 -4.87 -14.47
N GLU B 329 -23.17 -6.06 -14.99
CA GLU B 329 -24.13 -6.96 -14.37
C GLU B 329 -23.62 -7.34 -13.00
N LEU B 330 -24.53 -7.48 -12.04
CA LEU B 330 -24.17 -7.94 -10.71
C LEU B 330 -23.85 -9.43 -10.73
N SER B 331 -23.03 -9.86 -9.77
CA SER B 331 -22.74 -11.28 -9.62
C SER B 331 -24.02 -12.05 -9.34
N PRO B 332 -24.07 -13.33 -9.72
CA PRO B 332 -25.27 -14.12 -9.41
C PRO B 332 -25.56 -14.17 -7.92
N VAL B 333 -24.53 -14.29 -7.10
CA VAL B 333 -24.81 -14.40 -5.67
C VAL B 333 -25.28 -13.04 -5.11
N GLY B 334 -24.74 -11.94 -5.64
CA GLY B 334 -25.20 -10.61 -5.25
C GLY B 334 -26.66 -10.41 -5.59
N LYS B 335 -27.05 -10.78 -6.80
CA LYS B 335 -28.44 -10.64 -7.19
C LYS B 335 -29.33 -11.44 -6.22
N LYS B 336 -28.90 -12.64 -5.88
CA LYS B 336 -29.69 -13.51 -5.05
C LYS B 336 -29.82 -12.95 -3.63
N LEU B 337 -28.72 -12.48 -3.06
CA LEU B 337 -28.75 -12.00 -1.68
C LEU B 337 -29.42 -10.64 -1.56
N LEU B 338 -29.32 -9.81 -2.61
CA LEU B 338 -30.05 -8.55 -2.63
C LEU B 338 -31.54 -8.82 -2.51
N LYS B 339 -32.02 -9.86 -3.19
CA LYS B 339 -33.44 -10.18 -3.13
C LYS B 339 -33.78 -10.83 -1.80
N ASP B 340 -33.03 -11.84 -1.41
CA ASP B 340 -33.35 -12.62 -0.22
C ASP B 340 -33.18 -11.83 1.08
N LEU B 341 -32.13 -11.02 1.15
CA LEU B 341 -31.79 -10.36 2.42
C LEU B 341 -32.22 -8.90 2.50
N PHE B 342 -32.48 -8.27 1.36
CA PHE B 342 -32.81 -6.84 1.33
C PHE B 342 -34.16 -6.57 0.66
N GLY B 343 -34.69 -7.56 -0.05
CA GLY B 343 -35.91 -7.38 -0.82
C GLY B 343 -35.72 -6.49 -2.03
N ILE B 344 -34.49 -6.46 -2.56
CA ILE B 344 -34.14 -5.63 -3.69
CA ILE B 344 -34.14 -5.63 -3.69
C ILE B 344 -33.99 -6.48 -4.95
N SER B 345 -34.65 -6.05 -6.03
CA SER B 345 -34.52 -6.73 -7.33
C SER B 345 -33.56 -5.93 -8.19
N ALA B 346 -32.41 -6.52 -8.51
CA ALA B 346 -31.38 -5.77 -9.24
C ALA B 346 -30.71 -6.69 -10.24
N LYS B 347 -30.36 -6.15 -11.39
CA LYS B 347 -29.59 -6.90 -12.39
C LYS B 347 -28.20 -6.30 -12.65
N LYS B 348 -28.16 -4.98 -12.80
CA LYS B 348 -26.90 -4.28 -13.01
C LYS B 348 -26.60 -3.39 -11.79
N PHE B 349 -25.33 -3.02 -11.65
CA PHE B 349 -24.88 -2.32 -10.45
C PHE B 349 -25.71 -1.08 -10.16
N ARG B 350 -26.06 -0.31 -11.18
CA ARG B 350 -26.82 0.92 -10.94
C ARG B 350 -28.22 0.64 -10.40
N ASP B 351 -28.69 -0.59 -10.51
CA ASP B 351 -30.01 -0.94 -10.01
C ASP B 351 -30.09 -0.84 -8.48
N LEU B 352 -28.93 -0.72 -7.83
CA LEU B 352 -28.92 -0.47 -6.40
C LEU B 352 -29.50 0.92 -6.11
N GLY B 353 -29.44 1.79 -7.11
CA GLY B 353 -29.80 3.18 -6.92
C GLY B 353 -28.62 4.00 -6.42
N GLU B 354 -28.63 5.28 -6.80
CA GLU B 354 -27.57 6.20 -6.41
C GLU B 354 -27.35 6.29 -4.90
N GLU B 355 -28.43 6.40 -4.12
CA GLU B 355 -28.29 6.54 -2.68
C GLU B 355 -27.62 5.37 -2.00
N ALA B 356 -28.06 4.15 -2.32
CA ALA B 356 -27.51 2.97 -1.66
C ALA B 356 -26.10 2.65 -2.18
N ALA B 357 -25.83 2.95 -3.45
CA ALA B 357 -24.51 2.68 -4.01
C ALA B 357 -23.47 3.61 -3.37
N PHE B 358 -23.77 4.90 -3.38
CA PHE B 358 -22.91 5.90 -2.75
C PHE B 358 -23.21 5.97 -1.27
N SER B 359 -22.77 4.97 -0.53
CA SER B 359 -23.03 4.89 0.90
C SER B 359 -21.89 4.15 1.55
N LEU B 360 -21.83 4.19 2.87
CA LEU B 360 -20.77 3.52 3.61
C LEU B 360 -20.74 2.03 3.20
N MET B 361 -21.87 1.34 3.34
CA MET B 361 -21.90 -0.08 3.04
CA MET B 361 -21.90 -0.09 3.04
C MET B 361 -21.87 -0.35 1.53
N GLY B 362 -22.42 0.56 0.74
CA GLY B 362 -22.40 0.39 -0.70
C GLY B 362 -20.98 0.31 -1.25
N ARG B 363 -20.06 1.03 -0.62
CA ARG B 363 -18.67 1.00 -1.07
C ARG B 363 -18.04 -0.37 -0.78
N HIS B 364 -18.40 -1.00 0.34
CA HIS B 364 -17.95 -2.37 0.59
C HIS B 364 -18.56 -3.35 -0.41
N VAL B 365 -19.83 -3.19 -0.73
CA VAL B 365 -20.50 -4.03 -1.70
C VAL B 365 -19.86 -3.88 -3.07
N ALA B 366 -19.57 -2.62 -3.47
CA ALA B 366 -18.97 -2.36 -4.78
C ALA B 366 -17.63 -3.08 -4.88
N ARG B 367 -16.87 -3.04 -3.81
CA ARG B 367 -15.52 -3.64 -3.81
C ARG B 367 -15.63 -5.17 -3.92
N ALA B 368 -16.58 -5.76 -3.22
CA ALA B 368 -16.81 -7.21 -3.34
C ALA B 368 -17.26 -7.59 -4.75
N GLU B 369 -18.22 -6.85 -5.31
CA GLU B 369 -18.67 -7.10 -6.66
C GLU B 369 -17.54 -6.95 -7.66
N GLU B 370 -16.67 -5.97 -7.45
CA GLU B 370 -15.60 -5.74 -8.41
C GLU B 370 -14.62 -6.89 -8.34
N THR B 371 -14.40 -7.43 -7.14
CA THR B 371 -13.51 -8.58 -7.00
C THR B 371 -14.04 -9.76 -7.83
N TYR B 372 -15.34 -10.02 -7.76
CA TYR B 372 -15.95 -11.09 -8.56
C TYR B 372 -15.74 -10.78 -10.04
N TYR B 373 -15.94 -9.53 -10.42
CA TYR B 373 -15.78 -9.09 -11.82
C TYR B 373 -14.37 -9.36 -12.33
N MET B 374 -13.38 -9.12 -11.48
CA MET B 374 -11.97 -9.31 -11.84
CA MET B 374 -11.97 -9.30 -11.84
C MET B 374 -11.66 -10.79 -12.06
N LEU B 375 -12.39 -11.69 -11.41
CA LEU B 375 -12.17 -13.11 -11.67
C LEU B 375 -12.34 -13.43 -13.16
N GLY B 376 -13.39 -12.90 -13.78
CA GLY B 376 -13.65 -13.16 -15.17
C GLY B 376 -12.55 -12.57 -16.06
N ALA B 377 -12.05 -11.41 -15.69
CA ALA B 377 -10.98 -10.78 -16.47
C ALA B 377 -9.72 -11.64 -16.42
N ILE B 378 -9.35 -12.09 -15.23
CA ILE B 378 -8.13 -12.90 -15.08
C ILE B 378 -8.28 -14.23 -15.81
N GLU B 379 -9.45 -14.85 -15.71
CA GLU B 379 -9.75 -16.07 -16.46
C GLU B 379 -9.54 -15.84 -17.94
N GLY B 380 -10.03 -14.72 -18.46
CA GLY B 380 -9.87 -14.40 -19.86
C GLY B 380 -8.40 -14.26 -20.25
N TRP B 381 -7.62 -13.60 -19.39
CA TRP B 381 -6.20 -13.40 -19.68
C TRP B 381 -5.44 -14.72 -19.64
N LEU B 382 -5.83 -15.63 -18.77
CA LEU B 382 -5.20 -16.96 -18.72
C LEU B 382 -5.49 -17.76 -20.00
N LYS B 383 -6.64 -17.52 -20.62
CA LYS B 383 -6.95 -18.17 -21.89
C LYS B 383 -6.19 -17.52 -23.05
N GLU B 384 -5.98 -16.22 -22.95
CA GLU B 384 -5.43 -15.40 -24.02
C GLU B 384 -3.89 -15.48 -24.10
N ILE B 385 -3.25 -15.56 -22.95
CA ILE B 385 -1.79 -15.57 -22.87
C ILE B 385 -1.21 -16.75 -23.66
N LYS B 386 -0.02 -16.58 -24.22
CA LYS B 386 0.64 -17.63 -24.97
C LYS B 386 1.97 -17.96 -24.30
N ALA B 387 2.07 -19.17 -23.77
CA ALA B 387 3.31 -19.64 -23.19
C ALA B 387 4.45 -19.49 -24.18
N GLY B 388 5.57 -18.97 -23.69
CA GLY B 388 6.78 -18.90 -24.47
C GLY B 388 6.96 -17.70 -25.39
N GLU B 389 5.93 -16.88 -25.59
CA GLU B 389 5.96 -15.74 -26.52
CA GLU B 389 6.03 -15.77 -26.53
C GLU B 389 6.58 -14.51 -25.83
N ASP B 390 7.45 -13.79 -26.53
CA ASP B 390 8.24 -12.72 -25.91
C ASP B 390 7.33 -11.63 -25.37
N THR B 391 7.77 -11.04 -24.28
CA THR B 391 6.98 -10.11 -23.51
C THR B 391 7.63 -8.73 -23.38
N VAL B 392 8.80 -8.52 -23.98
CA VAL B 392 9.50 -7.25 -23.77
C VAL B 392 10.25 -6.80 -25.02
N VAL B 393 10.31 -5.47 -25.18
CA VAL B 393 11.28 -4.84 -26.06
C VAL B 393 12.27 -4.02 -25.21
N MET B 394 13.40 -3.69 -25.82
CA MET B 394 14.51 -3.03 -25.14
C MET B 394 14.81 -1.70 -25.83
N PRO B 395 14.01 -0.67 -25.52
CA PRO B 395 14.15 0.62 -26.20
C PRO B 395 15.27 1.47 -25.63
N ALA B 396 15.86 2.32 -26.46
CA ALA B 396 16.86 3.26 -26.00
C ALA B 396 16.22 4.37 -25.20
N VAL B 397 16.92 4.89 -24.21
CA VAL B 397 16.42 6.03 -23.45
C VAL B 397 16.46 7.28 -24.33
N PRO B 398 15.34 8.01 -24.42
CA PRO B 398 15.35 9.25 -25.20
C PRO B 398 16.06 10.39 -24.46
N ALA B 399 16.61 11.33 -25.21
CA ALA B 399 17.19 12.53 -24.63
C ALA B 399 16.08 13.46 -24.15
N SER B 400 15.03 13.57 -24.96
CA SER B 400 13.92 14.50 -24.69
CA SER B 400 13.92 14.49 -24.69
C SER B 400 12.59 13.83 -25.02
N ALA B 401 11.67 13.79 -24.04
CA ALA B 401 10.39 13.12 -24.23
C ALA B 401 9.42 13.43 -23.10
N GLU B 402 8.14 13.13 -23.30
CA GLU B 402 7.14 13.18 -22.23
C GLU B 402 6.14 12.05 -22.40
N GLY B 403 5.53 11.64 -21.30
CA GLY B 403 4.54 10.58 -21.35
C GLY B 403 3.66 10.60 -20.13
N THR B 404 2.44 10.10 -20.31
CA THR B 404 1.48 9.98 -19.23
C THR B 404 0.94 8.57 -19.22
N GLY B 405 0.89 7.97 -18.05
CA GLY B 405 0.27 6.69 -17.86
C GLY B 405 -0.96 6.81 -16.98
N PHE B 406 -2.07 6.26 -17.46
CA PHE B 406 -3.34 6.28 -16.72
C PHE B 406 -3.74 4.86 -16.44
N THR B 407 -4.14 4.59 -15.20
CA THR B 407 -4.70 3.30 -14.86
C THR B 407 -5.61 3.47 -13.65
N GLU B 408 -6.19 2.37 -13.23
CA GLU B 408 -7.02 2.33 -12.02
C GLU B 408 -6.33 1.43 -11.03
N ALA B 409 -5.83 2.02 -9.96
CA ALA B 409 -5.34 1.26 -8.82
C ALA B 409 -6.54 0.65 -8.08
N PRO B 410 -6.32 -0.34 -7.22
CA PRO B 410 -7.46 -0.91 -6.47
C PRO B 410 -8.32 0.14 -5.75
N ARG B 411 -7.73 1.25 -5.32
CA ARG B 411 -8.48 2.31 -4.62
C ARG B 411 -9.00 3.41 -5.53
N GLY B 412 -8.66 3.40 -6.83
CA GLY B 412 -9.16 4.38 -7.77
C GLY B 412 -8.13 4.90 -8.76
N SER B 413 -8.49 5.98 -9.43
CA SER B 413 -7.75 6.50 -10.58
C SER B 413 -6.33 6.92 -10.22
N LEU B 414 -5.39 6.55 -11.10
CA LEU B 414 -3.98 6.87 -10.93
C LEU B 414 -3.39 7.33 -12.25
N LEU B 415 -2.66 8.42 -12.21
CA LEU B 415 -1.86 8.81 -13.36
C LEU B 415 -0.47 9.20 -12.91
N HIS B 416 0.50 8.85 -13.76
CA HIS B 416 1.86 9.36 -13.65
C HIS B 416 2.21 10.10 -14.93
N TYR B 417 2.86 11.24 -14.77
CA TYR B 417 3.37 12.00 -15.88
C TYR B 417 4.87 12.15 -15.73
N VAL B 418 5.62 11.92 -16.82
CA VAL B 418 7.05 12.12 -16.79
C VAL B 418 7.50 12.98 -17.96
N LYS B 419 8.42 13.91 -17.68
CA LYS B 419 9.12 14.66 -18.70
C LYS B 419 10.60 14.36 -18.59
N VAL B 420 11.22 14.04 -19.73
CA VAL B 420 12.62 13.68 -19.80
C VAL B 420 13.36 14.78 -20.55
N LYS B 421 14.49 15.22 -20.00
CA LYS B 421 15.36 16.20 -20.65
C LYS B 421 16.80 15.81 -20.35
N ASP B 422 17.65 15.87 -21.36
CA ASP B 422 19.03 15.39 -21.27
C ASP B 422 19.08 13.96 -20.74
N SER B 423 18.13 13.15 -21.17
CA SER B 423 18.09 11.73 -20.84
C SER B 423 17.82 11.43 -19.36
N LYS B 424 17.35 12.42 -18.62
CA LYS B 424 17.08 12.26 -17.19
CA LYS B 424 17.08 12.28 -17.19
C LYS B 424 15.68 12.78 -16.87
N ILE B 425 15.13 12.41 -15.73
CA ILE B 425 13.84 12.91 -15.32
C ILE B 425 13.92 14.39 -14.99
N ASP B 426 13.14 15.19 -15.73
CA ASP B 426 13.07 16.63 -15.53
C ASP B 426 11.92 16.97 -14.58
N ASN B 427 10.80 16.27 -14.74
CA ASN B 427 9.67 16.40 -13.85
C ASN B 427 8.94 15.08 -13.83
N TYR B 428 8.36 14.76 -12.69
CA TYR B 428 7.57 13.55 -12.53
C TYR B 428 6.43 13.93 -11.62
N GLN B 429 5.21 13.69 -12.05
CA GLN B 429 4.04 14.06 -11.24
C GLN B 429 3.10 12.88 -11.09
N ILE B 430 2.59 12.70 -9.87
CA ILE B 430 1.72 11.59 -9.53
C ILE B 430 0.41 12.12 -8.98
N VAL B 431 -0.70 11.65 -9.56
CA VAL B 431 -2.04 11.96 -9.06
C VAL B 431 -2.72 10.62 -8.79
N SER B 432 -2.88 10.28 -7.51
CA SER B 432 -3.22 8.92 -7.10
C SER B 432 -4.64 8.82 -6.57
N ALA B 433 -5.08 7.60 -6.27
CA ALA B 433 -6.49 7.36 -5.91
C ALA B 433 -6.85 8.01 -4.57
N SER B 434 -6.08 7.75 -3.54
CA SER B 434 -6.42 8.27 -2.24
C SER B 434 -6.20 9.77 -2.13
N LEU B 435 -5.46 10.34 -3.07
CA LEU B 435 -5.43 11.78 -3.29
C LEU B 435 -6.82 12.27 -3.66
N TRP B 436 -7.49 11.63 -4.63
CA TRP B 436 -8.86 12.02 -4.96
C TRP B 436 -9.83 11.83 -3.80
N ASN B 437 -9.63 10.81 -2.96
CA ASN B 437 -10.61 10.56 -1.90
C ASN B 437 -10.36 11.35 -0.61
N CYS B 438 -9.10 11.42 -0.19
CA CYS B 438 -8.75 11.85 1.16
C CYS B 438 -8.13 13.22 1.24
N ASN B 439 -8.43 14.05 0.25
CA ASN B 439 -7.87 15.40 0.18
C ASN B 439 -8.60 16.40 1.04
N PRO B 440 -7.96 17.55 1.31
CA PRO B 440 -8.58 18.62 2.09
C PRO B 440 -9.38 19.55 1.19
N ARG B 441 -9.85 20.64 1.76
CA ARG B 441 -10.59 21.62 1.00
C ARG B 441 -9.73 22.22 -0.10
N ASP B 442 -10.36 22.65 -1.19
CA ASP B 442 -9.69 23.37 -2.26
C ASP B 442 -9.71 24.87 -1.97
N ASP B 443 -9.22 25.68 -2.92
CA ASP B 443 -9.06 27.10 -2.69
C ASP B 443 -10.40 27.81 -2.51
N MET B 444 -11.49 27.15 -2.90
CA MET B 444 -12.83 27.74 -2.78
C MET B 444 -13.53 27.26 -1.50
N GLY B 445 -12.89 26.36 -0.76
CA GLY B 445 -13.46 25.88 0.49
C GLY B 445 -14.30 24.63 0.35
N GLN B 446 -14.34 24.06 -0.86
CA GLN B 446 -15.09 22.84 -1.13
C GLN B 446 -14.32 21.65 -0.57
N ARG B 447 -15.01 20.82 0.21
CA ARG B 447 -14.40 19.67 0.88
C ARG B 447 -13.96 18.59 -0.09
N GLY B 448 -12.99 17.77 0.34
CA GLY B 448 -12.63 16.56 -0.38
C GLY B 448 -13.73 15.51 -0.28
N ALA B 449 -13.61 14.44 -1.08
CA ALA B 449 -14.70 13.47 -1.17
C ALA B 449 -15.05 12.81 0.16
N VAL B 450 -14.05 12.34 0.89
CA VAL B 450 -14.31 11.66 2.16
C VAL B 450 -14.76 12.67 3.22
N GLU B 451 -14.16 13.87 3.21
CA GLU B 451 -14.61 14.93 4.11
C GLU B 451 -16.12 15.15 3.96
N GLU B 452 -16.56 15.23 2.70
CA GLU B 452 -17.98 15.49 2.42
C GLU B 452 -18.85 14.27 2.76
N ALA B 453 -18.32 13.07 2.52
CA ALA B 453 -19.05 11.84 2.82
C ALA B 453 -19.25 11.64 4.33
N LEU B 454 -18.39 12.26 5.13
CA LEU B 454 -18.56 12.22 6.59
C LEU B 454 -19.76 13.03 7.07
N ILE B 455 -20.19 14.03 6.30
CA ILE B 455 -21.31 14.87 6.73
C ILE B 455 -22.56 14.00 6.84
N GLY B 456 -23.26 14.10 7.98
CA GLY B 456 -24.45 13.30 8.22
C GLY B 456 -24.22 11.94 8.89
N ILE B 457 -22.96 11.53 9.02
CA ILE B 457 -22.65 10.29 9.70
C ILE B 457 -23.15 10.35 11.17
N PRO B 458 -23.86 9.31 11.60
CA PRO B 458 -24.41 9.34 12.96
C PRO B 458 -23.36 9.09 14.04
N VAL B 459 -23.43 9.91 15.09
CA VAL B 459 -22.63 9.73 16.28
C VAL B 459 -23.56 9.92 17.47
N ASP B 460 -24.30 8.88 17.80
CA ASP B 460 -25.26 8.96 18.89
CA ASP B 460 -25.25 8.94 18.88
C ASP B 460 -24.57 8.84 20.24
N ASP B 461 -23.30 8.44 20.23
CA ASP B 461 -22.51 8.31 21.44
C ASP B 461 -21.11 8.89 21.21
N ILE B 462 -20.89 10.11 21.68
CA ILE B 462 -19.61 10.76 21.46
C ILE B 462 -18.46 10.01 22.13
N GLN B 463 -18.74 9.19 23.13
CA GLN B 463 -17.69 8.42 23.78
C GLN B 463 -17.33 7.15 23.03
N ASN B 464 -18.18 6.76 22.08
CA ASN B 464 -17.93 5.60 21.21
C ASN B 464 -18.30 5.96 19.76
N PRO B 465 -17.54 6.89 19.16
CA PRO B 465 -17.92 7.49 17.87
C PRO B 465 -17.47 6.62 16.71
N VAL B 466 -17.93 5.37 16.71
CA VAL B 466 -17.35 4.35 15.84
C VAL B 466 -17.62 4.59 14.35
N ASN B 467 -18.68 5.31 14.00
CA ASN B 467 -19.04 5.44 12.61
C ASN B 467 -18.18 6.40 11.81
N VAL B 468 -17.44 7.26 12.50
CA VAL B 468 -16.53 8.18 11.81
C VAL B 468 -15.45 7.40 11.06
N ALA B 469 -14.70 6.54 11.75
CA ALA B 469 -13.68 5.75 11.07
C ALA B 469 -14.28 4.64 10.22
N ARG B 470 -15.47 4.14 10.56
CA ARG B 470 -16.13 3.17 9.67
C ARG B 470 -16.34 3.79 8.28
N LEU B 471 -16.77 5.04 8.22
CA LEU B 471 -17.01 5.69 6.94
C LEU B 471 -15.68 5.82 6.18
N ILE B 472 -14.66 6.28 6.89
CA ILE B 472 -13.35 6.48 6.27
C ILE B 472 -12.85 5.15 5.68
N ARG B 473 -12.94 4.07 6.46
CA ARG B 473 -12.43 2.78 5.99
C ARG B 473 -13.20 2.25 4.78
N ALA B 474 -14.46 2.64 4.58
CA ALA B 474 -15.19 2.20 3.39
C ALA B 474 -14.50 2.61 2.08
N PHE B 475 -13.75 3.72 2.12
CA PHE B 475 -13.01 4.22 0.98
C PHE B 475 -11.62 3.58 0.83
N ASP B 476 -11.23 2.73 1.77
CA ASP B 476 -9.96 1.99 1.69
C ASP B 476 -8.76 2.94 1.49
N PRO B 477 -8.59 3.93 2.37
CA PRO B 477 -7.50 4.89 2.16
C PRO B 477 -6.10 4.35 2.33
N SEC B 478 -5.22 5.04 1.62
CA SEC B 478 -3.81 4.78 1.59
C SEC B 478 -3.11 6.10 1.56
N LEU B 479 -2.62 6.58 2.70
CA LEU B 479 -2.05 7.91 2.75
C LEU B 479 -0.65 7.96 2.16
N GLY B 480 0.06 6.86 2.08
CA GLY B 480 1.29 6.81 1.31
C GLY B 480 1.03 7.24 -0.11
N CYS B 481 0.06 6.59 -0.76
CA CYS B 481 -0.37 7.03 -2.08
C CYS B 481 -0.81 8.48 -2.15
N ALA B 482 -1.59 8.91 -1.19
CA ALA B 482 -2.20 10.23 -1.26
C ALA B 482 -1.15 11.33 -1.25
N VAL B 483 -0.10 11.18 -0.46
CA VAL B 483 0.87 12.23 -0.25
C VAL B 483 2.13 12.03 -1.09
N HIS B 484 2.63 10.80 -1.11
CA HIS B 484 3.89 10.47 -1.79
C HIS B 484 5.01 11.47 -1.46
#